data_9K3H
#
_entry.id   9K3H
#
_cell.length_a   1.00
_cell.length_b   1.00
_cell.length_c   1.00
_cell.angle_alpha   90.00
_cell.angle_beta   90.00
_cell.angle_gamma   90.00
#
_symmetry.space_group_name_H-M   'P 1'
#
loop_
_entity.id
_entity.type
_entity.pdbx_description
1 polymer 'Melanocortin receptor 5,Melanocortin receptor 5,Melanocortin receptor 5,LgBiT subunit'
2 polymer 'Guanine nucleotide-binding protein G(i) subunit alpha-1,Guanine nucleotide-binding protein G(s) subunit alpha isoforms short'
3 polymer 'Guanine nucleotide-binding protein G(I)/G(S)/G(T) subunit beta-1,Guanine nucleotide-binding protein G(I)/G(S)/G(T) subunit beta-1,Guanine nucleotide-binding protein G(I)/G(S)/G(T) subunit beta-1,HiBiT'
4 polymer 'Guanine nucleotide-binding protein G(I)/G(S)/G(O) subunit gamma-2'
5 polymer scFv16
#
loop_
_entity_poly.entity_id
_entity_poly.type
_entity_poly.pdbx_seq_one_letter_code
_entity_poly.pdbx_strand_id
1 'polypeptide(L)'
;MNSSFHLHFLDLNLNATEGNLSGPNVKNKSSPCEDMGIAVEVFLTLGVISLLENILVIGAIVKNKNLHSPMYFFVCSLAV
ADMLVSMSSAWETITIYLLNNKHLVIADAFVRHIDNVFDSMICISVVASMCSLLAIAVDRYVTIFYALRYHHIMTARRSG
AIIAGIWAFCTGCGIVFILYSESTYVILCLISMFFAMLFLLVSLYIHMFLLARTHVKRIAALPGASSARQRTSMQGAVTV
TMLLGVFTVCWAPFFLHLTLMLSCPQNLYCSRFMSHFNMYLILIMCNSVMDPLIYAFRSQEMRKTFKEIICCRGFRIACS
FPRRDGSSGGGGSGGGGSSGVFTLEDFVGDWEQTAAYNLDQVLEQGGVSSLLQNLAVSVTPIQRIVRSGENALKIDIHVI
IPYEGLSADQMAQIEEVFKVVYPVDDHHFKVILPYGTLVIDGVTPNMLNYFGRPYEGIAVFDGKKITVTGTLWNGNKIID
ERLITPDGSMLFRVTINS
;
R
2 'polypeptide(L)'
;MGCTLSAEDKAAVERSKMIEKQLQKDKQVYRATHRLLLLGADNSGKSTIVKQMRIYHVNGYSEEECKQYKAVVYSNTIQS
IIAIIRAMGRLKIDFGDSARADDARQLFVLAGAAEEGFMTAELAGVIKRLWKDSGVQACFNRSREYQLNDSAAYYLNDLD
RIAQPNYIPTQQDVLRTRVKTSGIFETKFQVDKVNFHMFDVGAQRDERRKWIQCFNDVTAIIFVVDSSDYNRLQEALNDF
KSIWNNRWLRTISVILFLNKQDLLAEKVLAGKSKIEDYFPEFARYTTPEDATPEPGEDPRVTRAKYFIRDEFLRISTASG
DGRHYCYPHFTCSVDTENARRIFNDCRDIIQRMHLRQYELL
;
A
3 'polypeptide(L)'
;MGSLLQSELDQLRQEAEQLKNQIRDARKACADATLSQITNNIDPVGRIQMRTRRTLRGHLAKIYAMHWGTDSRLLVSASQ
DGKLIIWDSYTTNKVHAIPLRSSWVMTCAYAPSGNYVACGGLDNICSIYNLKTREGNVRVSRELAGHTGYLSCCRFLDDN
QIVTSSGDTTCALWDIETGQQTTTFTGHTGDVMSLSLAPDTRLFVSGACDASAKLWDVREGMCRQTFTGHESDINAICFF
PNGNAFATGSDDATCRLFDLRADQELMTYSHDNIICGITSVSFSKSGRLLLAGYDDFNCNVWDALKADRAGVLAGHDNRV
SCLGVTDDGMAVATGSWDSFLKIWNGSSGGGGSGGGGSSGVSGWRLFKKIS
;
B
4 'polypeptide(L)' MASNNTASIAQARKLVEQLKMEANIDRIKVSKAAADLMAYCEAHAKEDPLLTPVPASENPFREKKFFCAIL G
5 'polypeptide(L)'
;MLLVNQSHQGFNKEHTSKMVSAIVLYVLLAAAAHSAFAVQLVESGGGLVQPGGSRKLSCSASGFAFSSFGMHWVRQAPEK
GLEWVAYISSGSGTIYYADTVKGRFTISRDDPKNTLFLQMTSLRSEDTAMYYCVRSIYYYGSSPFDFWGQGTTLTVSAGG
GGSGGGGSGGGGSADIVMTQATSSVPVTPGESVSISCRSSKSLLHSNGNTYLYWFLQRPGQSPQLLIYRMSNLASGVPDR
FSGSGSGTAFTLTISRLEAEDVGVYYCMQHLEYPLTFGAGTKLEL
;
S
#
# COMPACT_ATOMS: atom_id res chain seq x y z
N ILE A 38 -19.45 23.46 -47.70
CA ILE A 38 -19.87 23.82 -46.36
C ILE A 38 -18.89 24.84 -45.79
N ALA A 39 -19.30 25.53 -44.72
CA ALA A 39 -18.50 26.60 -44.14
C ALA A 39 -17.51 26.01 -43.12
N VAL A 40 -16.86 26.88 -42.35
CA VAL A 40 -15.75 26.48 -41.51
C VAL A 40 -16.04 26.67 -40.01
N GLU A 41 -17.06 27.46 -39.66
CA GLU A 41 -17.38 27.66 -38.25
C GLU A 41 -17.74 26.37 -37.55
N VAL A 42 -18.32 25.40 -38.27
CA VAL A 42 -18.56 24.09 -37.67
C VAL A 42 -17.23 23.40 -37.35
N PHE A 43 -16.27 23.46 -38.28
CA PHE A 43 -14.94 22.93 -38.03
C PHE A 43 -14.34 23.52 -36.77
N LEU A 44 -14.45 24.84 -36.60
CA LEU A 44 -13.93 25.47 -35.40
C LEU A 44 -14.69 25.03 -34.16
N THR A 45 -16.02 25.09 -34.19
CA THR A 45 -16.85 24.84 -33.02
C THR A 45 -16.68 23.42 -32.50
N LEU A 46 -17.09 22.43 -33.30
CA LEU A 46 -17.01 21.07 -32.81
C LEU A 46 -15.57 20.57 -32.70
N GLY A 47 -14.66 21.17 -33.47
CA GLY A 47 -13.25 20.89 -33.26
C GLY A 47 -12.78 21.28 -31.87
N VAL A 48 -13.11 22.50 -31.44
CA VAL A 48 -12.75 22.95 -30.09
C VAL A 48 -13.49 22.13 -29.05
N ILE A 49 -14.70 21.67 -29.36
CA ILE A 49 -15.39 20.76 -28.44
C ILE A 49 -14.58 19.49 -28.25
N SER A 50 -14.06 18.92 -29.34
CA SER A 50 -13.21 17.74 -29.23
C SER A 50 -11.95 18.03 -28.43
N LEU A 51 -11.31 19.17 -28.70
CA LEU A 51 -10.15 19.58 -27.90
C LEU A 51 -10.48 19.61 -26.42
N LEU A 52 -11.57 20.26 -26.05
CA LEU A 52 -11.94 20.36 -24.64
C LEU A 52 -12.20 19.00 -24.02
N GLU A 53 -12.97 18.14 -24.71
CA GLU A 53 -13.28 16.84 -24.15
C GLU A 53 -12.02 16.00 -23.95
N ASN A 54 -11.11 16.04 -24.92
CA ASN A 54 -9.92 15.20 -24.81
C ASN A 54 -8.94 15.75 -23.77
N ILE A 55 -8.74 17.06 -23.72
CA ILE A 55 -7.93 17.61 -22.64
C ILE A 55 -8.54 17.21 -21.30
N LEU A 56 -9.87 17.21 -21.20
CA LEU A 56 -10.53 16.76 -19.98
C LEU A 56 -10.20 15.32 -19.66
N VAL A 57 -10.25 14.43 -20.66
CA VAL A 57 -10.08 13.01 -20.37
C VAL A 57 -8.63 12.70 -19.97
N ILE A 58 -7.65 13.28 -20.67
CA ILE A 58 -6.27 13.09 -20.22
C ILE A 58 -6.04 13.71 -18.85
N GLY A 59 -6.55 14.91 -18.61
CA GLY A 59 -6.37 15.53 -17.31
C GLY A 59 -6.92 14.68 -16.19
N ALA A 60 -8.10 14.07 -16.40
CA ALA A 60 -8.69 13.24 -15.37
C ALA A 60 -7.99 11.89 -15.27
N ILE A 61 -7.40 11.38 -16.36
CA ILE A 61 -6.81 10.05 -16.32
C ILE A 61 -5.43 10.10 -15.68
N VAL A 62 -4.72 11.20 -15.84
CA VAL A 62 -3.40 11.34 -15.25
C VAL A 62 -3.49 11.86 -13.81
N LYS A 63 -4.65 12.34 -13.40
CA LYS A 63 -4.85 12.86 -12.06
C LYS A 63 -5.29 11.81 -11.05
N ASN A 64 -6.04 10.80 -11.48
CA ASN A 64 -6.52 9.76 -10.59
C ASN A 64 -5.61 8.54 -10.68
N LYS A 65 -5.49 7.84 -9.57
CA LYS A 65 -4.60 6.68 -9.48
C LYS A 65 -5.33 5.36 -9.66
N ASN A 66 -6.62 5.29 -9.38
CA ASN A 66 -7.39 4.07 -9.59
C ASN A 66 -7.53 3.71 -11.06
N LEU A 67 -7.19 4.63 -11.96
CA LEU A 67 -7.44 4.48 -13.39
C LEU A 67 -6.16 4.27 -14.19
N HIS A 68 -5.23 3.48 -13.67
CA HIS A 68 -3.99 3.19 -14.37
C HIS A 68 -3.97 1.77 -14.94
N SER A 69 -5.14 1.23 -15.26
CA SER A 69 -5.24 -0.07 -15.91
C SER A 69 -4.88 0.05 -17.39
N PRO A 70 -4.51 -1.06 -18.03
CA PRO A 70 -4.19 -0.99 -19.47
C PRO A 70 -5.33 -0.46 -20.32
N MET A 71 -6.58 -0.73 -19.94
CA MET A 71 -7.71 -0.21 -20.71
C MET A 71 -7.70 1.31 -20.74
N TYR A 72 -7.43 1.94 -19.60
CA TYR A 72 -7.44 3.40 -19.56
C TYR A 72 -6.23 3.98 -20.29
N PHE A 73 -5.10 3.26 -20.30
CA PHE A 73 -3.98 3.67 -21.13
C PHE A 73 -4.36 3.63 -22.61
N PHE A 74 -5.08 2.59 -23.02
CA PHE A 74 -5.55 2.53 -24.40
C PHE A 74 -6.53 3.66 -24.70
N VAL A 75 -7.38 4.00 -23.73
CA VAL A 75 -8.31 5.11 -23.91
C VAL A 75 -7.54 6.42 -24.09
N CYS A 76 -6.50 6.63 -23.29
CA CYS A 76 -5.69 7.83 -23.43
C CYS A 76 -4.98 7.87 -24.78
N SER A 77 -4.49 6.71 -25.23
CA SER A 77 -3.89 6.65 -26.56
C SER A 77 -4.91 7.01 -27.64
N LEU A 78 -6.14 6.53 -27.49
CA LEU A 78 -7.20 6.91 -28.42
C LEU A 78 -7.44 8.42 -28.39
N ALA A 79 -7.41 9.02 -27.21
CA ALA A 79 -7.63 10.46 -27.10
C ALA A 79 -6.49 11.25 -27.75
N VAL A 80 -5.26 10.78 -27.61
CA VAL A 80 -4.13 11.44 -28.27
C VAL A 80 -4.27 11.33 -29.79
N ALA A 81 -4.54 10.11 -30.28
CA ALA A 81 -4.81 9.95 -31.69
C ALA A 81 -6.00 10.80 -32.14
N ASP A 82 -6.91 11.11 -31.22
CA ASP A 82 -8.06 11.92 -31.55
C ASP A 82 -7.68 13.39 -31.70
N MET A 83 -6.81 13.89 -30.81
CA MET A 83 -6.13 15.16 -31.07
C MET A 83 -5.50 15.21 -32.46
N LEU A 84 -4.76 14.16 -32.80
CA LEU A 84 -4.09 14.18 -34.10
C LEU A 84 -5.09 14.17 -35.25
N VAL A 85 -6.17 13.38 -35.14
CA VAL A 85 -7.24 13.43 -36.14
C VAL A 85 -7.81 14.84 -36.24
N SER A 86 -8.07 15.46 -35.09
CA SER A 86 -8.68 16.78 -35.06
C SER A 86 -7.82 17.79 -35.78
N MET A 87 -6.53 17.86 -35.43
CA MET A 87 -5.64 18.83 -36.06
C MET A 87 -5.45 18.53 -37.54
N SER A 88 -5.32 17.24 -37.89
CA SER A 88 -5.14 16.87 -39.29
C SER A 88 -6.33 17.28 -40.14
N SER A 89 -7.54 17.04 -39.63
CA SER A 89 -8.74 17.42 -40.36
C SER A 89 -8.90 18.93 -40.43
N ALA A 90 -8.55 19.64 -39.35
CA ALA A 90 -8.77 21.09 -39.32
C ALA A 90 -7.78 21.81 -40.23
N TRP A 91 -6.48 21.59 -40.01
CA TRP A 91 -5.48 22.40 -40.68
C TRP A 91 -5.26 21.92 -42.11
N GLU A 92 -6.36 21.70 -42.82
CA GLU A 92 -6.36 21.64 -44.28
C GLU A 92 -7.23 22.76 -44.82
N THR A 93 -8.51 22.80 -44.43
CA THR A 93 -9.34 23.96 -44.71
C THR A 93 -8.85 25.19 -43.95
N ILE A 94 -8.27 24.99 -42.76
CA ILE A 94 -7.69 26.11 -42.03
C ILE A 94 -6.61 26.79 -42.87
N THR A 95 -5.68 26.00 -43.39
CA THR A 95 -4.65 26.54 -44.27
C THR A 95 -5.26 27.13 -45.54
N ILE A 96 -6.29 26.47 -46.08
CA ILE A 96 -6.91 26.95 -47.32
C ILE A 96 -7.43 28.37 -47.14
N TYR A 97 -8.17 28.62 -46.08
CA TYR A 97 -8.71 29.94 -45.86
C TYR A 97 -7.61 30.90 -45.45
N LEU A 98 -6.65 30.42 -44.68
CA LEU A 98 -5.59 31.30 -44.18
C LEU A 98 -4.79 31.89 -45.33
N LEU A 99 -4.47 31.07 -46.34
CA LEU A 99 -3.79 31.61 -47.51
C LEU A 99 -4.72 32.48 -48.36
N ASN A 100 -6.02 32.47 -48.07
CA ASN A 100 -7.00 33.26 -48.80
C ASN A 100 -7.63 34.37 -47.96
N ASN A 101 -6.90 34.89 -46.98
CA ASN A 101 -7.41 35.97 -46.14
C ASN A 101 -6.23 36.87 -45.74
N LYS A 102 -6.45 37.69 -44.71
CA LYS A 102 -5.40 38.61 -44.25
C LYS A 102 -4.11 37.89 -43.88
N HIS A 103 -4.22 36.68 -43.33
CA HIS A 103 -3.04 35.94 -42.90
C HIS A 103 -2.40 35.19 -44.06
N LEU A 104 -2.09 35.90 -45.15
CA LEU A 104 -1.45 35.30 -46.31
C LEU A 104 0.04 35.57 -46.36
N VAL A 105 0.62 36.11 -45.28
CA VAL A 105 2.03 36.47 -45.27
C VAL A 105 2.88 35.25 -44.94
N ILE A 106 3.22 34.49 -45.98
CA ILE A 106 4.05 33.30 -45.84
C ILE A 106 4.57 32.94 -47.23
N ALA A 107 5.82 32.46 -47.27
CA ALA A 107 6.42 32.09 -48.54
C ALA A 107 5.72 30.87 -49.12
N ASP A 108 5.44 30.91 -50.43
CA ASP A 108 4.82 29.80 -51.12
C ASP A 108 5.78 28.66 -51.39
N ALA A 109 7.08 28.84 -51.12
CA ALA A 109 8.05 27.79 -51.35
C ALA A 109 7.78 26.58 -50.47
N PHE A 110 7.43 26.80 -49.20
CA PHE A 110 7.17 25.72 -48.27
C PHE A 110 5.69 25.31 -48.25
N VAL A 111 4.88 25.83 -49.17
CA VAL A 111 3.49 25.39 -49.26
C VAL A 111 3.42 23.90 -49.59
N ARG A 112 4.33 23.43 -50.45
CA ARG A 112 4.37 22.01 -50.78
C ARG A 112 4.70 21.17 -49.55
N HIS A 113 5.66 21.63 -48.73
CA HIS A 113 6.00 20.90 -47.51
C HIS A 113 4.83 20.92 -46.53
N ILE A 114 4.13 22.06 -46.43
CA ILE A 114 2.98 22.15 -45.55
C ILE A 114 1.90 21.16 -45.99
N ASP A 115 1.64 21.10 -47.31
CA ASP A 115 0.67 20.15 -47.83
C ASP A 115 1.11 18.71 -47.55
N ASN A 116 2.39 18.42 -47.72
CA ASN A 116 2.91 17.09 -47.43
C ASN A 116 2.64 16.70 -45.98
N VAL A 117 3.01 17.57 -45.04
CA VAL A 117 2.81 17.27 -43.62
C VAL A 117 1.33 17.14 -43.30
N PHE A 118 0.52 18.05 -43.83
CA PHE A 118 -0.88 18.19 -43.45
C PHE A 118 -1.81 17.37 -44.34
N ASP A 119 -1.25 16.48 -45.16
CA ASP A 119 -2.02 15.34 -45.64
C ASP A 119 -1.41 14.00 -45.27
N SER A 120 -0.16 13.97 -44.80
CA SER A 120 0.40 12.77 -44.21
C SER A 120 -0.12 12.54 -42.79
N MET A 121 -0.37 13.60 -42.03
CA MET A 121 -0.80 13.39 -40.66
C MET A 121 -2.23 12.86 -40.58
N ILE A 122 -3.08 13.10 -41.58
CA ILE A 122 -4.37 12.42 -41.63
C ILE A 122 -4.16 10.92 -41.75
N CYS A 123 -3.28 10.50 -42.66
CA CYS A 123 -3.02 9.08 -42.83
C CYS A 123 -2.43 8.47 -41.56
N ILE A 124 -1.59 9.23 -40.86
CA ILE A 124 -1.07 8.76 -39.58
C ILE A 124 -2.20 8.58 -38.57
N SER A 125 -3.01 9.62 -38.41
CA SER A 125 -3.92 9.69 -37.28
C SER A 125 -5.16 8.84 -37.46
N VAL A 126 -5.66 8.68 -38.68
CA VAL A 126 -6.81 7.80 -38.88
C VAL A 126 -6.45 6.37 -38.50
N VAL A 127 -5.28 5.91 -38.96
CA VAL A 127 -4.83 4.57 -38.58
C VAL A 127 -4.59 4.49 -37.08
N ALA A 128 -4.01 5.54 -36.49
CA ALA A 128 -3.78 5.53 -35.06
C ALA A 128 -5.09 5.39 -34.28
N SER A 129 -6.10 6.16 -34.65
CA SER A 129 -7.38 6.13 -33.94
C SER A 129 -8.07 4.78 -34.13
N MET A 130 -8.06 4.24 -35.34
CA MET A 130 -8.71 2.96 -35.56
C MET A 130 -8.00 1.83 -34.82
N CYS A 131 -6.66 1.87 -34.80
CA CYS A 131 -5.92 0.87 -34.04
C CYS A 131 -6.19 1.00 -32.55
N SER A 132 -6.34 2.23 -32.06
CA SER A 132 -6.69 2.41 -30.66
C SER A 132 -8.06 1.83 -30.35
N LEU A 133 -9.05 2.09 -31.21
CA LEU A 133 -10.38 1.54 -31.00
C LEU A 133 -10.33 0.02 -30.96
N LEU A 134 -9.59 -0.58 -31.90
CA LEU A 134 -9.36 -2.01 -31.86
C LEU A 134 -8.70 -2.44 -30.56
N ALA A 135 -7.80 -1.61 -30.02
CA ALA A 135 -7.12 -1.96 -28.79
C ALA A 135 -8.07 -2.03 -27.62
N ILE A 136 -8.95 -1.03 -27.46
CA ILE A 136 -9.96 -1.12 -26.41
C ILE A 136 -10.86 -2.33 -26.61
N ALA A 137 -11.27 -2.59 -27.86
CA ALA A 137 -12.14 -3.75 -28.09
C ALA A 137 -11.46 -5.04 -27.65
N VAL A 138 -10.20 -5.22 -28.05
CA VAL A 138 -9.48 -6.45 -27.73
C VAL A 138 -9.24 -6.56 -26.23
N ASP A 139 -8.94 -5.45 -25.57
CA ASP A 139 -8.73 -5.49 -24.13
C ASP A 139 -10.01 -5.87 -23.39
N ARG A 140 -11.14 -5.30 -23.82
CA ARG A 140 -12.41 -5.69 -23.22
C ARG A 140 -12.69 -7.17 -23.44
N TYR A 141 -12.40 -7.67 -24.64
CA TYR A 141 -12.63 -9.09 -24.92
C TYR A 141 -11.76 -9.97 -24.04
N VAL A 142 -10.50 -9.59 -23.85
CA VAL A 142 -9.60 -10.38 -23.02
C VAL A 142 -10.07 -10.37 -21.56
N THR A 143 -10.53 -9.21 -21.09
CA THR A 143 -11.05 -9.15 -19.72
C THR A 143 -12.27 -10.03 -19.55
N ILE A 144 -13.15 -10.06 -20.54
CA ILE A 144 -14.39 -10.81 -20.41
C ILE A 144 -14.15 -12.30 -20.50
N PHE A 145 -13.51 -12.75 -21.58
CA PHE A 145 -13.43 -14.19 -21.85
C PHE A 145 -12.20 -14.84 -21.25
N TYR A 146 -11.28 -14.08 -20.68
CA TYR A 146 -10.12 -14.60 -19.97
C TYR A 146 -10.07 -13.97 -18.59
N ALA A 147 -11.21 -14.00 -17.90
CA ALA A 147 -11.39 -13.22 -16.68
C ALA A 147 -10.40 -13.61 -15.60
N LEU A 148 -10.16 -14.90 -15.43
CA LEU A 148 -9.29 -15.37 -14.36
C LEU A 148 -7.83 -15.41 -14.74
N ARG A 149 -7.49 -15.20 -16.01
CA ARG A 149 -6.12 -15.19 -16.48
C ARG A 149 -5.68 -13.83 -16.99
N TYR A 150 -6.45 -12.78 -16.70
CA TYR A 150 -6.20 -11.47 -17.31
C TYR A 150 -4.85 -10.91 -16.89
N HIS A 151 -4.54 -10.96 -15.60
CA HIS A 151 -3.34 -10.30 -15.11
C HIS A 151 -2.06 -11.07 -15.43
N HIS A 152 -2.16 -12.32 -15.88
CA HIS A 152 -1.03 -13.01 -16.46
C HIS A 152 -0.85 -12.72 -17.93
N ILE A 153 -1.74 -11.93 -18.54
CA ILE A 153 -1.73 -11.67 -19.96
C ILE A 153 -1.42 -10.20 -20.25
N MET A 154 -2.16 -9.29 -19.62
CA MET A 154 -2.01 -7.86 -19.86
C MET A 154 -1.53 -7.17 -18.60
N THR A 155 -0.43 -6.43 -18.73
CA THR A 155 0.12 -5.60 -17.67
C THR A 155 0.31 -4.19 -18.19
N ALA A 156 0.69 -3.28 -17.30
CA ALA A 156 0.97 -1.91 -17.70
C ALA A 156 2.14 -1.85 -18.66
N ARG A 157 3.18 -2.66 -18.41
CA ARG A 157 4.34 -2.70 -19.30
C ARG A 157 3.93 -3.12 -20.71
N ARG A 158 3.14 -4.19 -20.82
CA ARG A 158 2.71 -4.63 -22.13
C ARG A 158 1.75 -3.64 -22.77
N SER A 159 0.94 -2.95 -21.98
CA SER A 159 0.07 -1.92 -22.54
C SER A 159 0.89 -0.81 -23.18
N GLY A 160 1.91 -0.31 -22.46
CA GLY A 160 2.78 0.70 -23.04
C GLY A 160 3.53 0.19 -24.25
N ALA A 161 3.99 -1.06 -24.20
CA ALA A 161 4.72 -1.62 -25.34
C ALA A 161 3.83 -1.70 -26.57
N ILE A 162 2.58 -2.13 -26.40
CA ILE A 162 1.67 -2.23 -27.53
C ILE A 162 1.32 -0.85 -28.06
N ILE A 163 1.16 0.13 -27.16
CA ILE A 163 0.88 1.50 -27.61
C ILE A 163 2.04 2.02 -28.46
N ALA A 164 3.27 1.82 -27.98
CA ALA A 164 4.43 2.25 -28.76
C ALA A 164 4.50 1.53 -30.09
N GLY A 165 4.20 0.22 -30.10
CA GLY A 165 4.26 -0.54 -31.33
C GLY A 165 3.23 -0.07 -32.35
N ILE A 166 2.00 0.20 -31.92
CA ILE A 166 0.97 0.62 -32.84
C ILE A 166 1.27 2.03 -33.37
N TRP A 167 1.80 2.91 -32.51
CA TRP A 167 2.18 4.23 -33.01
C TRP A 167 3.32 4.14 -34.01
N ALA A 168 4.30 3.26 -33.75
CA ALA A 168 5.39 3.08 -34.72
C ALA A 168 4.87 2.52 -36.04
N PHE A 169 3.93 1.58 -35.97
CA PHE A 169 3.35 1.03 -37.18
C PHE A 169 2.60 2.11 -37.97
N CYS A 170 1.88 2.98 -37.26
CA CYS A 170 1.18 4.07 -37.94
C CYS A 170 2.16 5.04 -38.58
N THR A 171 3.27 5.34 -37.89
CA THR A 171 4.29 6.19 -38.49
C THR A 171 4.87 5.57 -39.74
N GLY A 172 5.17 4.27 -39.71
CA GLY A 172 5.64 3.58 -40.89
C GLY A 172 4.63 3.61 -42.02
N CYS A 173 3.35 3.42 -41.70
CA CYS A 173 2.30 3.48 -42.71
C CYS A 173 2.22 4.87 -43.36
N GLY A 174 2.33 5.93 -42.56
CA GLY A 174 2.38 7.27 -43.14
C GLY A 174 3.60 7.52 -44.00
N ILE A 175 4.76 7.03 -43.57
CA ILE A 175 5.97 7.17 -44.38
C ILE A 175 5.81 6.45 -45.71
N VAL A 176 5.24 5.25 -45.70
CA VAL A 176 4.95 4.55 -46.94
C VAL A 176 3.92 5.31 -47.77
N PHE A 177 2.92 5.91 -47.12
CA PHE A 177 1.89 6.68 -47.81
C PHE A 177 2.44 7.89 -48.54
N ILE A 178 3.46 8.53 -47.99
CA ILE A 178 4.08 9.70 -48.63
C ILE A 178 5.13 9.28 -49.64
N LEU A 179 6.06 8.41 -49.25
CA LEU A 179 7.13 8.00 -50.14
C LEU A 179 6.61 7.23 -51.35
N TYR A 180 5.54 6.45 -51.18
CA TYR A 180 5.03 5.62 -52.25
C TYR A 180 3.59 6.02 -52.56
N SER A 181 3.35 7.32 -52.67
CA SER A 181 2.01 7.87 -52.79
C SER A 181 1.44 7.60 -54.18
N GLU A 182 0.14 7.82 -54.33
CA GLU A 182 -0.58 7.83 -55.61
C GLU A 182 -0.54 6.49 -56.33
N SER A 183 -0.12 5.42 -55.66
CA SER A 183 -0.16 4.11 -56.27
C SER A 183 -1.48 3.41 -55.98
N THR A 184 -1.73 2.33 -56.72
CA THR A 184 -2.96 1.56 -56.58
C THR A 184 -2.84 0.50 -55.48
N TYR A 185 -1.79 0.57 -54.70
CA TYR A 185 -1.56 -0.37 -53.59
C TYR A 185 -1.59 0.32 -52.24
N VAL A 186 -1.05 1.52 -52.13
CA VAL A 186 -1.02 2.25 -50.87
C VAL A 186 -2.43 2.75 -50.57
N ILE A 187 -3.31 2.70 -51.57
CA ILE A 187 -4.70 3.02 -51.40
C ILE A 187 -5.59 1.78 -51.36
N LEU A 188 -5.08 0.63 -51.78
CA LEU A 188 -5.79 -0.63 -51.65
C LEU A 188 -5.58 -1.31 -50.31
N CYS A 189 -4.39 -1.17 -49.72
CA CYS A 189 -4.09 -1.80 -48.43
C CYS A 189 -4.58 -0.97 -47.25
N LEU A 190 -5.37 0.06 -47.51
CA LEU A 190 -6.04 0.83 -46.47
C LEU A 190 -7.53 0.54 -46.39
N ILE A 191 -8.20 0.46 -47.53
CA ILE A 191 -9.59 0.03 -47.54
C ILE A 191 -9.72 -1.41 -47.05
N SER A 192 -8.84 -2.30 -47.53
CA SER A 192 -8.84 -3.68 -47.09
C SER A 192 -8.46 -3.82 -45.62
N MET A 193 -7.85 -2.80 -45.04
CA MET A 193 -7.53 -2.75 -43.62
C MET A 193 -8.69 -2.25 -42.78
N PHE A 194 -9.36 -1.18 -43.23
CA PHE A 194 -10.54 -0.70 -42.52
C PHE A 194 -11.67 -1.74 -42.56
N PHE A 195 -11.87 -2.39 -43.71
CA PHE A 195 -12.92 -3.38 -43.82
C PHE A 195 -12.62 -4.64 -43.02
N ALA A 196 -11.39 -4.81 -42.53
CA ALA A 196 -11.08 -5.91 -41.64
C ALA A 196 -11.18 -5.49 -40.17
N MET A 197 -10.73 -4.28 -39.85
CA MET A 197 -10.85 -3.80 -38.49
C MET A 197 -12.25 -3.33 -38.13
N LEU A 198 -13.16 -3.29 -39.10
CA LEU A 198 -14.58 -3.17 -38.77
C LEU A 198 -15.22 -4.52 -38.51
N PHE A 199 -14.90 -5.50 -39.35
CA PHE A 199 -15.43 -6.86 -39.17
C PHE A 199 -15.00 -7.45 -37.84
N LEU A 200 -13.71 -7.30 -37.49
CA LEU A 200 -13.25 -7.89 -36.25
C LEU A 200 -13.87 -7.17 -35.05
N LEU A 201 -14.04 -5.85 -35.15
CA LEU A 201 -14.69 -5.09 -34.09
C LEU A 201 -16.13 -5.56 -33.87
N VAL A 202 -16.90 -5.69 -34.94
CA VAL A 202 -18.29 -6.08 -34.79
C VAL A 202 -18.37 -7.51 -34.26
N SER A 203 -17.46 -8.38 -34.70
CA SER A 203 -17.46 -9.74 -34.18
C SER A 203 -17.19 -9.76 -32.67
N LEU A 204 -16.19 -9.00 -32.23
CA LEU A 204 -15.88 -8.98 -30.80
C LEU A 204 -17.05 -8.48 -29.99
N TYR A 205 -17.73 -7.43 -30.47
CA TYR A 205 -18.81 -6.90 -29.65
C TYR A 205 -20.07 -7.78 -29.69
N ILE A 206 -20.35 -8.42 -30.81
CA ILE A 206 -21.48 -9.34 -30.85
C ILE A 206 -21.25 -10.53 -29.92
N HIS A 207 -20.01 -11.03 -29.87
CA HIS A 207 -19.74 -12.14 -28.95
C HIS A 207 -19.99 -11.73 -27.50
N MET A 208 -19.53 -10.53 -27.14
CA MET A 208 -19.75 -10.03 -25.80
C MET A 208 -21.24 -9.92 -25.50
N PHE A 209 -22.00 -9.38 -26.45
CA PHE A 209 -23.43 -9.21 -26.22
C PHE A 209 -24.12 -10.56 -26.06
N LEU A 210 -23.70 -11.56 -26.83
CA LEU A 210 -24.28 -12.89 -26.68
C LEU A 210 -24.02 -13.47 -25.29
N LEU A 211 -22.77 -13.35 -24.83
CA LEU A 211 -22.47 -13.85 -23.48
C LEU A 211 -23.27 -13.09 -22.42
N ALA A 212 -23.41 -11.78 -22.60
CA ALA A 212 -24.19 -10.99 -21.65
C ALA A 212 -25.65 -11.43 -21.65
N ARG A 213 -26.20 -11.75 -22.81
CA ARG A 213 -27.57 -12.25 -22.86
C ARG A 213 -27.71 -13.56 -22.12
N THR A 214 -26.74 -14.47 -22.28
CA THR A 214 -26.81 -15.73 -21.53
C THR A 214 -26.79 -15.47 -20.03
N HIS A 215 -25.91 -14.57 -19.57
CA HIS A 215 -25.85 -14.27 -18.15
C HIS A 215 -27.15 -13.64 -17.65
N VAL A 216 -27.73 -12.73 -18.43
CA VAL A 216 -28.98 -12.09 -18.01
C VAL A 216 -30.11 -13.10 -17.95
N LYS A 217 -30.15 -14.02 -18.91
CA LYS A 217 -31.19 -15.04 -18.89
C LYS A 217 -31.02 -15.98 -17.70
N ARG A 218 -29.77 -16.26 -17.31
CA ARG A 218 -29.55 -17.03 -16.10
C ARG A 218 -30.00 -16.28 -14.86
N ILE A 219 -29.73 -14.98 -14.79
CA ILE A 219 -30.15 -14.18 -13.65
C ILE A 219 -31.68 -14.12 -13.56
N ALA A 220 -32.35 -14.06 -14.71
CA ALA A 220 -33.80 -13.94 -14.70
C ALA A 220 -34.47 -15.14 -14.05
N ALA A 221 -33.94 -16.34 -14.29
CA ALA A 221 -34.53 -17.55 -13.74
C ALA A 221 -34.35 -17.67 -12.23
N LEU A 222 -33.69 -16.70 -11.59
CA LEU A 222 -33.49 -16.76 -10.16
C LEU A 222 -34.79 -16.51 -9.42
N PRO A 223 -35.20 -17.40 -8.51
CA PRO A 223 -36.48 -17.21 -7.82
C PRO A 223 -36.55 -15.89 -7.07
N GLY A 224 -37.74 -15.30 -7.04
CA GLY A 224 -37.94 -14.05 -6.34
C GLY A 224 -37.18 -12.88 -6.95
N ALA A 225 -37.09 -12.83 -8.27
CA ALA A 225 -36.37 -11.76 -8.97
C ALA A 225 -37.22 -10.50 -8.93
N SER A 226 -36.87 -9.61 -8.00
CA SER A 226 -37.59 -8.35 -7.85
C SER A 226 -37.13 -7.33 -8.89
N ARG A 231 -32.55 -5.99 -15.29
CA ARG A 231 -32.84 -7.21 -16.05
C ARG A 231 -33.44 -6.83 -17.40
N THR A 232 -32.60 -6.32 -18.30
CA THR A 232 -33.02 -5.96 -19.66
C THR A 232 -31.88 -6.25 -20.60
N SER A 233 -32.12 -7.11 -21.60
CA SER A 233 -31.19 -7.19 -22.72
C SER A 233 -31.22 -5.93 -23.56
N MET A 234 -32.24 -5.09 -23.39
CA MET A 234 -32.32 -3.84 -24.12
C MET A 234 -31.12 -2.95 -23.83
N GLN A 235 -30.65 -2.93 -22.58
CA GLN A 235 -29.51 -2.08 -22.23
C GLN A 235 -28.26 -2.50 -22.98
N GLY A 236 -27.96 -3.81 -22.98
CA GLY A 236 -26.81 -4.29 -23.72
C GLY A 236 -26.94 -4.06 -25.22
N ALA A 237 -28.15 -4.28 -25.76
CA ALA A 237 -28.36 -4.04 -27.18
C ALA A 237 -28.13 -2.58 -27.53
N VAL A 238 -28.61 -1.66 -26.69
CA VAL A 238 -28.42 -0.24 -26.94
C VAL A 238 -26.94 0.12 -26.88
N THR A 239 -26.21 -0.44 -25.92
CA THR A 239 -24.78 -0.13 -25.85
C THR A 239 -24.05 -0.64 -27.09
N VAL A 240 -24.31 -1.88 -27.48
CA VAL A 240 -23.65 -2.45 -28.66
C VAL A 240 -23.99 -1.63 -29.89
N THR A 241 -25.25 -1.20 -30.02
CA THR A 241 -25.63 -0.38 -31.16
C THR A 241 -24.92 0.95 -31.14
N MET A 242 -24.99 1.69 -30.03
CA MET A 242 -24.38 3.01 -30.00
C MET A 242 -22.87 2.95 -30.13
N LEU A 243 -22.26 1.78 -29.97
CA LEU A 243 -20.85 1.66 -30.30
C LEU A 243 -20.64 1.34 -31.78
N LEU A 244 -21.15 0.19 -32.23
CA LEU A 244 -20.84 -0.30 -33.56
C LEU A 244 -21.48 0.56 -34.65
N GLY A 245 -22.75 0.91 -34.49
CA GLY A 245 -23.41 1.74 -35.49
C GLY A 245 -22.78 3.11 -35.61
N VAL A 246 -22.41 3.71 -34.48
CA VAL A 246 -21.73 5.01 -34.53
C VAL A 246 -20.42 4.87 -35.28
N PHE A 247 -19.62 3.85 -34.94
CA PHE A 247 -18.35 3.65 -35.63
C PHE A 247 -18.55 3.51 -37.13
N THR A 248 -19.49 2.65 -37.54
CA THR A 248 -19.62 2.36 -38.96
C THR A 248 -20.21 3.55 -39.72
N VAL A 249 -21.24 4.21 -39.15
CA VAL A 249 -21.84 5.35 -39.84
C VAL A 249 -20.82 6.49 -39.96
N CYS A 250 -19.95 6.64 -38.98
CA CYS A 250 -18.98 7.71 -39.04
C CYS A 250 -17.82 7.40 -39.98
N TRP A 251 -17.38 6.15 -40.06
CA TRP A 251 -16.18 5.81 -40.82
C TRP A 251 -16.45 5.31 -42.23
N ALA A 252 -17.44 4.44 -42.41
CA ALA A 252 -17.68 3.80 -43.70
C ALA A 252 -17.86 4.76 -44.87
N PRO A 253 -18.55 5.90 -44.74
CA PRO A 253 -18.69 6.79 -45.91
C PRO A 253 -17.36 7.19 -46.53
N PHE A 254 -16.36 7.50 -45.72
CA PHE A 254 -15.08 7.93 -46.27
C PHE A 254 -14.41 6.82 -47.07
N PHE A 255 -14.32 5.62 -46.49
CA PHE A 255 -13.67 4.53 -47.18
C PHE A 255 -14.49 4.03 -48.36
N LEU A 256 -15.81 4.19 -48.33
CA LEU A 256 -16.61 3.82 -49.50
C LEU A 256 -16.43 4.86 -50.61
N HIS A 257 -16.23 6.13 -50.23
CA HIS A 257 -15.81 7.15 -51.16
C HIS A 257 -14.50 6.74 -51.83
N LEU A 258 -13.54 6.26 -51.03
CA LEU A 258 -12.27 5.82 -51.58
C LEU A 258 -12.47 4.63 -52.53
N THR A 259 -13.34 3.69 -52.16
CA THR A 259 -13.61 2.55 -53.04
C THR A 259 -14.18 3.00 -54.37
N LEU A 260 -15.14 3.93 -54.34
CA LEU A 260 -15.72 4.41 -55.59
C LEU A 260 -14.69 5.19 -56.41
N MET A 261 -13.80 5.92 -55.75
CA MET A 261 -12.71 6.58 -56.46
C MET A 261 -11.82 5.57 -57.15
N LEU A 262 -11.48 4.46 -56.48
CA LEU A 262 -10.64 3.45 -57.10
C LEU A 262 -11.37 2.73 -58.23
N SER A 263 -12.67 2.49 -58.06
CA SER A 263 -13.42 1.61 -58.95
C SER A 263 -14.02 2.36 -60.14
N CYS A 264 -14.87 3.35 -59.87
CA CYS A 264 -15.65 4.02 -60.91
C CYS A 264 -15.43 5.53 -60.86
N PRO A 265 -14.28 6.00 -61.36
CA PRO A 265 -14.06 7.46 -61.43
C PRO A 265 -14.79 8.15 -62.58
N GLN A 266 -15.68 7.46 -63.31
CA GLN A 266 -16.30 8.05 -64.49
C GLN A 266 -17.82 7.84 -64.51
N ASN A 267 -18.41 7.47 -63.38
CA ASN A 267 -19.84 7.20 -63.33
C ASN A 267 -20.56 8.33 -62.61
N LEU A 268 -21.80 8.59 -63.06
CA LEU A 268 -22.57 9.72 -62.55
C LEU A 268 -22.86 9.55 -61.06
N TYR A 269 -23.36 8.40 -60.65
CA TYR A 269 -23.63 8.15 -59.24
C TYR A 269 -22.33 8.19 -58.43
N CYS A 270 -21.27 7.57 -58.96
CA CYS A 270 -19.99 7.60 -58.27
C CYS A 270 -19.48 9.04 -58.14
N SER A 271 -19.59 9.84 -59.19
CA SER A 271 -19.12 11.22 -59.13
C SER A 271 -19.93 12.03 -58.12
N ARG A 272 -21.25 11.81 -58.09
CA ARG A 272 -22.08 12.48 -57.09
C ARG A 272 -21.64 12.10 -55.69
N PHE A 273 -21.30 10.82 -55.48
CA PHE A 273 -20.80 10.40 -54.17
C PHE A 273 -19.46 11.06 -53.87
N MET A 274 -18.60 11.20 -54.88
CA MET A 274 -17.32 11.89 -54.71
C MET A 274 -17.53 13.33 -54.24
N SER A 275 -18.56 13.99 -54.77
CA SER A 275 -18.74 15.42 -54.53
C SER A 275 -18.93 15.78 -53.06
N HIS A 276 -19.04 14.80 -52.16
CA HIS A 276 -19.37 15.06 -50.77
C HIS A 276 -18.19 14.91 -49.81
N PHE A 277 -16.97 15.22 -50.26
CA PHE A 277 -15.79 14.98 -49.44
C PHE A 277 -15.80 15.80 -48.16
N ASN A 278 -16.22 17.07 -48.25
CA ASN A 278 -16.12 17.95 -47.08
C ASN A 278 -17.09 17.53 -45.98
N MET A 279 -18.34 17.22 -46.32
CA MET A 279 -19.20 16.75 -45.24
C MET A 279 -19.03 15.27 -44.94
N TYR A 280 -18.18 14.55 -45.67
CA TYR A 280 -17.67 13.28 -45.13
C TYR A 280 -16.61 13.53 -44.08
N LEU A 281 -15.73 14.52 -44.33
CA LEU A 281 -14.71 14.85 -43.36
C LEU A 281 -15.32 15.37 -42.06
N ILE A 282 -16.42 16.14 -42.16
CA ILE A 282 -17.03 16.62 -40.93
C ILE A 282 -17.61 15.46 -40.14
N LEU A 283 -18.10 14.42 -40.82
CA LEU A 283 -18.56 13.24 -40.11
C LEU A 283 -17.41 12.51 -39.44
N ILE A 284 -16.27 12.44 -40.10
CA ILE A 284 -15.08 11.85 -39.46
C ILE A 284 -14.74 12.62 -38.19
N MET A 285 -14.74 13.95 -38.28
CA MET A 285 -14.46 14.78 -37.11
C MET A 285 -15.56 14.66 -36.05
N CYS A 286 -16.80 14.39 -36.48
CA CYS A 286 -17.87 14.15 -35.52
C CYS A 286 -17.65 12.85 -34.77
N ASN A 287 -17.16 11.82 -35.45
CA ASN A 287 -16.73 10.61 -34.76
C ASN A 287 -15.63 10.93 -33.75
N SER A 288 -14.68 11.76 -34.16
CA SER A 288 -13.63 12.20 -33.26
C SER A 288 -14.20 12.84 -32.00
N VAL A 289 -15.23 13.67 -32.17
CA VAL A 289 -15.88 14.30 -31.02
C VAL A 289 -16.62 13.26 -30.19
N MET A 290 -17.28 12.31 -30.84
CA MET A 290 -18.22 11.41 -30.18
C MET A 290 -17.52 10.34 -29.36
N ASP A 291 -16.31 9.92 -29.76
CA ASP A 291 -15.66 8.80 -29.08
C ASP A 291 -15.54 8.96 -27.56
N PRO A 292 -15.03 10.07 -27.01
CA PRO A 292 -14.95 10.17 -25.55
C PRO A 292 -16.30 10.19 -24.86
N LEU A 293 -17.37 10.57 -25.56
CA LEU A 293 -18.69 10.59 -24.94
C LEU A 293 -19.16 9.18 -24.62
N ILE A 294 -18.81 8.20 -25.46
CA ILE A 294 -19.26 6.82 -25.27
C ILE A 294 -18.23 5.94 -24.58
N TYR A 295 -16.93 6.24 -24.70
CA TYR A 295 -15.91 5.41 -24.08
C TYR A 295 -15.51 5.92 -22.70
N ALA A 296 -14.97 7.12 -22.61
CA ALA A 296 -14.45 7.61 -21.34
C ALA A 296 -15.57 8.03 -20.39
N PHE A 297 -16.51 8.83 -20.89
CA PHE A 297 -17.57 9.36 -20.03
C PHE A 297 -18.46 8.27 -19.46
N ARG A 298 -18.45 7.08 -20.05
CA ARG A 298 -19.38 6.03 -19.65
C ARG A 298 -19.10 5.48 -18.26
N SER A 299 -17.84 5.50 -17.82
CA SER A 299 -17.47 4.93 -16.54
C SER A 299 -17.95 5.80 -15.38
N GLN A 300 -18.06 5.19 -14.20
CA GLN A 300 -18.57 5.90 -13.03
C GLN A 300 -17.47 6.71 -12.36
N GLU A 301 -16.41 6.03 -11.90
CA GLU A 301 -15.32 6.73 -11.23
C GLU A 301 -14.61 7.70 -12.16
N MET A 302 -14.66 7.44 -13.48
CA MET A 302 -14.18 8.43 -14.44
C MET A 302 -15.00 9.72 -14.33
N ARG A 303 -16.32 9.58 -14.22
CA ARG A 303 -17.16 10.77 -14.04
C ARG A 303 -16.92 11.42 -12.69
N LYS A 304 -16.62 10.63 -11.66
CA LYS A 304 -16.28 11.23 -10.36
C LYS A 304 -15.01 12.05 -10.46
N THR A 305 -14.00 11.54 -11.16
CA THR A 305 -12.78 12.31 -11.39
C THR A 305 -13.07 13.56 -12.20
N PHE A 306 -13.98 13.45 -13.18
CA PHE A 306 -14.42 14.62 -13.94
C PHE A 306 -15.02 15.68 -13.02
N LYS A 307 -15.92 15.27 -12.12
CA LYS A 307 -16.53 16.21 -11.20
C LYS A 307 -15.49 16.85 -10.27
N GLU A 308 -14.53 16.05 -9.80
CA GLU A 308 -13.48 16.61 -8.95
C GLU A 308 -12.64 17.62 -9.72
N ILE A 309 -12.32 17.32 -10.98
CA ILE A 309 -11.50 18.22 -11.79
C ILE A 309 -12.24 19.52 -12.05
N ILE A 310 -13.54 19.44 -12.37
CA ILE A 310 -14.29 20.63 -12.76
C ILE A 310 -14.39 21.63 -11.62
N CYS A 311 -14.27 21.17 -10.37
CA CYS A 311 -14.30 22.07 -9.21
C CYS A 311 -12.90 22.50 -8.81
N CYS A 312 -12.14 23.01 -9.77
CA CYS A 312 -10.77 23.46 -9.51
C CYS A 312 -10.44 24.70 -10.33
N LEU B 5 23.75 12.77 -3.27
CA LEU B 5 24.91 13.10 -4.09
C LEU B 5 26.19 12.54 -3.47
N SER B 6 26.13 12.19 -2.19
CA SER B 6 27.29 11.66 -1.49
C SER B 6 27.58 10.23 -1.95
N ALA B 7 28.75 9.73 -1.52
CA ALA B 7 29.08 8.33 -1.79
C ALA B 7 28.08 7.39 -1.12
N GLU B 8 27.45 7.83 -0.03
CA GLU B 8 26.29 7.15 0.51
C GLU B 8 25.01 7.51 -0.22
N ASP B 9 25.04 7.41 -1.55
CA ASP B 9 23.85 7.45 -2.39
C ASP B 9 23.43 6.05 -2.81
N LYS B 10 24.14 5.03 -2.33
CA LYS B 10 23.64 3.67 -2.49
C LYS B 10 22.34 3.47 -1.75
N ALA B 11 22.24 4.00 -0.53
CA ALA B 11 20.96 4.04 0.16
C ALA B 11 19.93 4.81 -0.66
N ALA B 12 20.35 5.87 -1.32
CA ALA B 12 19.43 6.68 -2.12
C ALA B 12 18.93 5.89 -3.32
N VAL B 13 19.80 5.10 -3.94
CA VAL B 13 19.41 4.42 -5.16
C VAL B 13 19.58 2.90 -5.03
N GLU B 14 20.82 2.44 -4.94
CA GLU B 14 21.13 1.02 -5.12
C GLU B 14 20.65 0.14 -3.99
N ARG B 15 19.83 0.66 -3.08
CA ARG B 15 19.14 -0.16 -2.11
C ARG B 15 17.62 -0.02 -2.23
N SER B 16 17.14 1.22 -2.34
CA SER B 16 15.70 1.45 -2.44
C SER B 16 15.15 0.91 -3.75
N LYS B 17 15.87 1.05 -4.86
CA LYS B 17 15.31 0.51 -6.09
C LYS B 17 15.45 -1.01 -6.20
N MET B 18 16.41 -1.62 -5.50
CA MET B 18 16.37 -3.07 -5.39
C MET B 18 15.15 -3.52 -4.60
N ILE B 19 14.84 -2.82 -3.51
CA ILE B 19 13.62 -3.14 -2.75
C ILE B 19 12.40 -2.93 -3.63
N GLU B 20 12.38 -1.86 -4.43
CA GLU B 20 11.25 -1.60 -5.31
C GLU B 20 11.12 -2.67 -6.38
N LYS B 21 12.25 -3.16 -6.90
CA LYS B 21 12.21 -4.26 -7.85
C LYS B 21 11.59 -5.50 -7.23
N GLN B 22 11.97 -5.81 -5.99
CA GLN B 22 11.35 -6.93 -5.30
C GLN B 22 9.85 -6.70 -5.11
N LEU B 23 9.47 -5.47 -4.76
CA LEU B 23 8.05 -5.18 -4.52
C LEU B 23 7.23 -5.33 -5.81
N GLN B 24 7.75 -4.83 -6.93
CA GLN B 24 7.01 -4.97 -8.17
C GLN B 24 7.04 -6.40 -8.70
N LYS B 25 8.05 -7.19 -8.30
CA LYS B 25 8.01 -8.62 -8.57
C LYS B 25 6.86 -9.27 -7.78
N ASP B 26 6.67 -8.85 -6.53
CA ASP B 26 5.61 -9.43 -5.72
C ASP B 26 4.23 -8.94 -6.13
N LYS B 27 4.14 -7.75 -6.73
CA LYS B 27 2.83 -7.21 -7.11
C LYS B 27 2.17 -8.08 -8.17
N GLN B 28 2.96 -8.64 -9.09
CA GLN B 28 2.41 -9.53 -10.11
C GLN B 28 1.79 -10.76 -9.46
N VAL B 29 2.45 -11.32 -8.45
CA VAL B 29 1.88 -12.46 -7.75
C VAL B 29 0.62 -12.05 -6.99
N TYR B 30 0.64 -10.88 -6.35
CA TYR B 30 -0.51 -10.47 -5.56
C TYR B 30 -1.74 -10.25 -6.43
N ARG B 31 -1.61 -9.44 -7.48
CA ARG B 31 -2.78 -9.24 -8.34
C ARG B 31 -2.87 -10.33 -9.39
N ALA B 32 -2.71 -11.58 -8.95
CA ALA B 32 -3.01 -12.73 -9.79
C ALA B 32 -3.61 -13.86 -8.98
N THR B 33 -3.83 -13.66 -7.69
CA THR B 33 -4.39 -14.67 -6.81
C THR B 33 -5.69 -14.14 -6.24
N HIS B 34 -6.75 -14.94 -6.30
CA HIS B 34 -8.06 -14.52 -5.83
C HIS B 34 -8.25 -14.96 -4.40
N ARG B 35 -8.59 -14.01 -3.53
CA ARG B 35 -8.77 -14.27 -2.12
C ARG B 35 -10.23 -14.57 -1.83
N LEU B 36 -10.46 -15.63 -1.07
CA LEU B 36 -11.81 -16.06 -0.69
C LEU B 36 -11.90 -16.15 0.83
N LEU B 37 -13.06 -15.80 1.36
CA LEU B 37 -13.30 -15.85 2.80
C LEU B 37 -14.39 -16.88 3.08
N LEU B 38 -14.15 -17.75 4.05
CA LEU B 38 -15.07 -18.83 4.38
C LEU B 38 -15.75 -18.52 5.70
N LEU B 39 -17.08 -18.62 5.70
CA LEU B 39 -17.88 -18.37 6.90
C LEU B 39 -18.91 -19.48 7.04
N GLY B 40 -19.33 -19.70 8.28
CA GLY B 40 -20.29 -20.75 8.56
C GLY B 40 -20.51 -20.89 10.05
N ALA B 41 -21.25 -21.93 10.41
CA ALA B 41 -21.55 -22.24 11.80
C ALA B 41 -20.67 -23.38 12.29
N ASP B 42 -20.79 -23.71 13.57
CA ASP B 42 -19.99 -24.77 14.14
C ASP B 42 -20.46 -26.16 13.70
N ASN B 43 -21.77 -26.36 13.60
CA ASN B 43 -22.34 -27.65 13.23
C ASN B 43 -22.52 -27.78 11.73
N SER B 44 -21.46 -27.51 10.97
CA SER B 44 -21.50 -27.60 9.52
C SER B 44 -20.20 -28.23 9.05
N GLY B 45 -20.02 -28.27 7.74
CA GLY B 45 -18.83 -28.83 7.14
C GLY B 45 -17.71 -27.85 6.90
N LYS B 46 -17.81 -26.62 7.41
CA LYS B 46 -16.80 -25.61 7.14
C LYS B 46 -15.42 -26.04 7.58
N SER B 47 -15.33 -26.99 8.51
CA SER B 47 -14.05 -27.62 8.83
C SER B 47 -13.77 -28.77 7.88
N THR B 48 -14.78 -29.59 7.59
CA THR B 48 -14.57 -30.74 6.71
C THR B 48 -14.27 -30.29 5.28
N ILE B 49 -14.98 -29.28 4.79
CA ILE B 49 -14.79 -28.84 3.40
C ILE B 49 -13.37 -28.31 3.19
N VAL B 50 -12.90 -27.50 4.13
CA VAL B 50 -11.58 -26.88 3.94
C VAL B 50 -10.48 -27.94 4.00
N LYS B 51 -10.59 -28.90 4.91
CA LYS B 51 -9.56 -29.94 4.99
C LYS B 51 -9.64 -30.88 3.79
N GLN B 52 -10.85 -31.17 3.31
CA GLN B 52 -10.98 -32.01 2.12
C GLN B 52 -10.36 -31.34 0.91
N MET B 53 -10.56 -30.03 0.76
CA MET B 53 -9.89 -29.31 -0.32
C MET B 53 -8.38 -29.28 -0.11
N ARG B 54 -7.95 -29.13 1.15
CA ARG B 54 -6.52 -29.11 1.45
C ARG B 54 -5.85 -30.42 1.07
N ILE B 55 -6.58 -31.53 1.20
CA ILE B 55 -6.00 -32.85 0.97
C ILE B 55 -5.43 -32.96 -0.44
N TYR B 56 -6.21 -32.57 -1.45
CA TYR B 56 -5.81 -32.72 -2.84
C TYR B 56 -5.66 -31.37 -3.54
N HIS B 57 -5.54 -30.29 -2.78
CA HIS B 57 -5.36 -28.94 -3.34
C HIS B 57 -6.54 -28.55 -4.23
N THR B 181 -5.00 -21.70 19.87
CA THR B 181 -5.60 -20.36 19.98
C THR B 181 -5.25 -19.50 18.79
N SER B 182 -4.91 -20.15 17.67
CA SER B 182 -4.54 -19.42 16.47
C SER B 182 -5.75 -18.71 15.87
N GLY B 183 -5.46 -17.76 14.98
CA GLY B 183 -6.51 -16.97 14.36
C GLY B 183 -6.93 -17.52 13.01
N ILE B 184 -6.50 -16.86 11.93
CA ILE B 184 -6.84 -17.33 10.59
C ILE B 184 -6.14 -18.64 10.31
N PHE B 185 -6.87 -19.58 9.72
CA PHE B 185 -6.31 -20.82 9.21
C PHE B 185 -6.19 -20.66 7.69
N GLU B 186 -5.02 -20.25 7.25
CA GLU B 186 -4.78 -20.05 5.82
C GLU B 186 -4.95 -21.34 5.05
N THR B 187 -5.47 -21.23 3.84
CA THR B 187 -5.60 -22.38 2.94
C THR B 187 -5.46 -21.88 1.51
N LYS B 188 -4.56 -22.50 0.76
CA LYS B 188 -4.31 -22.11 -0.62
C LYS B 188 -4.45 -23.31 -1.53
N PHE B 189 -4.95 -23.07 -2.73
CA PHE B 189 -5.14 -24.12 -3.73
C PHE B 189 -5.23 -23.45 -5.09
N GLN B 190 -5.11 -24.25 -6.14
CA GLN B 190 -5.24 -23.73 -7.49
C GLN B 190 -6.05 -24.69 -8.33
N VAL B 191 -6.72 -24.13 -9.34
CA VAL B 191 -7.50 -24.91 -10.30
C VAL B 191 -7.25 -24.32 -11.68
N ASP B 192 -6.70 -25.12 -12.59
CA ASP B 192 -6.39 -24.69 -13.95
C ASP B 192 -5.50 -23.45 -13.95
N LYS B 193 -4.43 -23.52 -13.16
CA LYS B 193 -3.39 -22.48 -13.12
C LYS B 193 -3.95 -21.14 -12.66
N VAL B 194 -4.91 -21.17 -11.75
CA VAL B 194 -5.43 -19.97 -11.11
C VAL B 194 -5.38 -20.19 -9.61
N ASN B 195 -4.71 -19.30 -8.89
CA ASN B 195 -4.42 -19.48 -7.48
C ASN B 195 -5.50 -18.84 -6.62
N PHE B 196 -5.93 -19.56 -5.59
CA PHE B 196 -6.94 -19.09 -4.65
C PHE B 196 -6.39 -19.17 -3.23
N HIS B 197 -6.64 -18.13 -2.45
CA HIS B 197 -6.26 -18.07 -1.04
C HIS B 197 -7.54 -17.99 -0.21
N MET B 198 -7.92 -19.11 0.39
CA MET B 198 -9.13 -19.18 1.21
C MET B 198 -8.76 -19.03 2.67
N PHE B 199 -9.39 -18.08 3.35
CA PHE B 199 -9.07 -17.74 4.74
C PHE B 199 -10.21 -18.20 5.64
N ASP B 200 -10.03 -19.34 6.28
CA ASP B 200 -10.92 -19.74 7.35
C ASP B 200 -10.52 -18.99 8.62
N VAL B 201 -11.48 -18.32 9.24
CA VAL B 201 -11.25 -17.56 10.46
C VAL B 201 -11.57 -18.46 11.64
N GLY B 202 -10.61 -18.59 12.56
CA GLY B 202 -10.73 -19.60 13.60
C GLY B 202 -11.20 -19.08 14.94
N ALA B 203 -10.28 -19.00 15.90
CA ALA B 203 -10.63 -18.64 17.27
C ALA B 203 -10.94 -17.16 17.37
N GLN B 204 -12.20 -16.79 17.19
CA GLN B 204 -12.65 -15.41 17.32
C GLN B 204 -13.90 -15.38 18.18
N ARG B 205 -14.22 -14.20 18.69
CA ARG B 205 -15.40 -14.02 19.50
C ARG B 205 -16.66 -14.18 18.66
N ASP B 206 -17.82 -14.09 19.31
CA ASP B 206 -19.08 -14.34 18.62
C ASP B 206 -19.38 -13.26 17.59
N GLU B 207 -18.95 -12.02 17.85
CA GLU B 207 -19.27 -10.93 16.94
C GLU B 207 -18.41 -10.98 15.69
N ARG B 208 -19.05 -10.80 14.54
CA ARG B 208 -18.40 -10.68 13.25
C ARG B 208 -18.31 -9.24 12.78
N ARG B 209 -18.53 -8.29 13.68
CA ARG B 209 -18.80 -6.91 13.26
C ARG B 209 -17.56 -6.24 12.69
N LYS B 210 -16.52 -6.09 13.50
CA LYS B 210 -15.45 -5.15 13.18
C LYS B 210 -14.25 -5.78 12.50
N TRP B 211 -14.22 -7.10 12.31
CA TRP B 211 -13.15 -7.71 11.55
C TRP B 211 -13.60 -8.19 10.18
N ILE B 212 -14.89 -8.03 9.86
CA ILE B 212 -15.35 -8.31 8.50
C ILE B 212 -15.03 -7.18 7.54
N GLN B 213 -14.67 -6.01 8.06
CA GLN B 213 -14.30 -4.89 7.20
C GLN B 213 -13.04 -5.20 6.40
N CYS B 214 -12.10 -5.91 7.02
CA CYS B 214 -10.83 -6.22 6.36
C CYS B 214 -11.00 -7.13 5.16
N PHE B 215 -12.15 -7.78 5.01
CA PHE B 215 -12.33 -8.81 3.99
C PHE B 215 -13.12 -8.30 2.79
N ASN B 216 -13.27 -6.99 2.64
CA ASN B 216 -13.80 -6.51 1.38
C ASN B 216 -12.72 -6.62 0.30
N ASP B 217 -13.15 -6.44 -0.95
CA ASP B 217 -12.29 -6.57 -2.12
C ASP B 217 -11.73 -7.97 -2.29
N VAL B 218 -12.32 -8.97 -1.63
CA VAL B 218 -12.03 -10.36 -1.94
C VAL B 218 -12.92 -10.74 -3.12
N THR B 219 -12.64 -11.88 -3.74
CA THR B 219 -13.44 -12.28 -4.90
C THR B 219 -14.84 -12.71 -4.49
N ALA B 220 -14.95 -13.53 -3.45
CA ALA B 220 -16.25 -14.01 -3.01
C ALA B 220 -16.15 -14.49 -1.57
N ILE B 221 -17.30 -14.57 -0.92
CA ILE B 221 -17.43 -15.12 0.43
C ILE B 221 -18.14 -16.45 0.33
N ILE B 222 -17.57 -17.48 0.95
CA ILE B 222 -18.11 -18.83 0.88
C ILE B 222 -18.85 -19.10 2.19
N PHE B 223 -20.16 -19.04 2.14
CA PHE B 223 -21.02 -19.27 3.30
C PHE B 223 -21.52 -20.70 3.27
N VAL B 224 -21.39 -21.40 4.40
CA VAL B 224 -21.76 -22.81 4.50
C VAL B 224 -22.88 -22.93 5.52
N VAL B 225 -23.95 -23.63 5.14
CA VAL B 225 -25.12 -23.80 5.99
C VAL B 225 -25.33 -25.30 6.20
N ASP B 226 -25.73 -25.66 7.42
CA ASP B 226 -26.19 -27.02 7.69
C ASP B 226 -27.66 -27.14 7.34
N SER B 227 -28.01 -28.20 6.61
CA SER B 227 -29.37 -28.44 6.21
C SER B 227 -30.05 -29.54 7.02
N SER B 228 -29.28 -30.37 7.72
CA SER B 228 -29.88 -31.42 8.53
C SER B 228 -30.73 -30.84 9.65
N ASP B 229 -30.15 -29.90 10.40
CA ASP B 229 -30.88 -29.29 11.50
C ASP B 229 -31.97 -28.37 10.97
N TYR B 230 -33.00 -28.16 11.79
CA TYR B 230 -34.04 -27.19 11.48
C TYR B 230 -34.14 -26.20 12.63
N ASN B 231 -33.92 -26.67 13.86
CA ASN B 231 -33.80 -25.77 14.99
C ASN B 231 -32.68 -24.76 14.75
N ARG B 232 -31.51 -25.26 14.33
CA ARG B 232 -30.39 -24.39 13.98
C ARG B 232 -30.39 -24.07 12.49
N LEU B 233 -31.51 -23.57 12.00
CA LEU B 233 -31.61 -23.11 10.63
C LEU B 233 -32.15 -21.69 10.53
N GLN B 234 -33.10 -21.31 11.38
CA GLN B 234 -33.64 -19.97 11.31
C GLN B 234 -32.56 -18.94 11.60
N GLU B 235 -31.73 -19.17 12.62
CA GLU B 235 -30.64 -18.24 12.88
C GLU B 235 -29.55 -18.34 11.84
N ALA B 236 -29.44 -19.48 11.14
CA ALA B 236 -28.53 -19.54 10.00
C ALA B 236 -28.99 -18.60 8.89
N LEU B 237 -30.30 -18.59 8.59
CA LEU B 237 -30.82 -17.61 7.65
C LEU B 237 -30.62 -16.19 8.16
N ASN B 238 -30.79 -15.97 9.46
CA ASN B 238 -30.56 -14.64 10.01
C ASN B 238 -29.12 -14.21 9.83
N ASP B 239 -28.18 -15.11 10.07
CA ASP B 239 -26.77 -14.81 9.88
C ASP B 239 -26.45 -14.52 8.42
N PHE B 240 -27.03 -15.30 7.51
CA PHE B 240 -26.83 -15.05 6.09
C PHE B 240 -27.38 -13.70 5.69
N LYS B 241 -28.55 -13.34 6.22
CA LYS B 241 -29.12 -12.02 5.97
C LYS B 241 -28.21 -10.92 6.49
N SER B 242 -27.63 -11.13 7.67
CA SER B 242 -26.71 -10.13 8.23
C SER B 242 -25.49 -9.96 7.34
N ILE B 243 -24.94 -11.07 6.84
CA ILE B 243 -23.77 -10.99 5.96
C ILE B 243 -24.13 -10.28 4.66
N TRP B 244 -25.27 -10.64 4.07
CA TRP B 244 -25.64 -10.13 2.76
C TRP B 244 -25.88 -8.62 2.81
N ASN B 245 -26.50 -8.13 3.87
CA ASN B 245 -26.87 -6.72 3.99
C ASN B 245 -25.77 -5.88 4.64
N ASN B 246 -24.61 -6.47 4.90
CA ASN B 246 -23.53 -5.71 5.51
C ASN B 246 -23.09 -4.57 4.59
N ARG B 247 -22.70 -3.46 5.21
CA ARG B 247 -22.36 -2.27 4.43
C ARG B 247 -21.04 -2.42 3.69
N TRP B 248 -20.11 -3.20 4.24
CA TRP B 248 -18.79 -3.36 3.64
C TRP B 248 -18.70 -4.53 2.68
N LEU B 249 -19.82 -5.21 2.41
CA LEU B 249 -19.80 -6.38 1.53
C LEU B 249 -20.86 -6.25 0.45
N ARG B 250 -21.25 -5.02 0.10
CA ARG B 250 -22.28 -4.82 -0.91
C ARG B 250 -21.81 -5.20 -2.30
N THR B 251 -20.50 -5.32 -2.52
CA THR B 251 -19.95 -5.71 -3.80
C THR B 251 -19.33 -7.10 -3.78
N ILE B 252 -19.59 -7.88 -2.74
CA ILE B 252 -18.99 -9.21 -2.58
C ILE B 252 -20.09 -10.24 -2.78
N SER B 253 -19.95 -11.07 -3.80
CA SER B 253 -20.90 -12.13 -4.05
C SER B 253 -20.66 -13.29 -3.08
N VAL B 254 -21.75 -13.97 -2.72
CA VAL B 254 -21.71 -15.03 -1.73
C VAL B 254 -21.93 -16.36 -2.43
N ILE B 255 -21.23 -17.38 -1.96
CA ILE B 255 -21.33 -18.74 -2.49
C ILE B 255 -21.84 -19.63 -1.36
N LEU B 256 -23.05 -20.16 -1.52
CA LEU B 256 -23.62 -21.03 -0.50
C LEU B 256 -23.32 -22.49 -0.78
N PHE B 257 -23.03 -23.21 0.29
CA PHE B 257 -22.85 -24.66 0.28
C PHE B 257 -23.83 -25.21 1.32
N LEU B 258 -25.03 -25.59 0.86
CA LEU B 258 -26.04 -26.11 1.77
C LEU B 258 -25.62 -27.52 2.19
N ASN B 259 -24.62 -27.61 3.06
CA ASN B 259 -23.95 -28.86 3.32
C ASN B 259 -24.84 -29.82 4.12
N LYS B 260 -24.27 -30.99 4.42
CA LYS B 260 -24.95 -32.02 5.19
C LYS B 260 -26.29 -32.39 4.57
N GLN B 261 -26.31 -32.54 3.25
CA GLN B 261 -27.53 -32.89 2.56
C GLN B 261 -27.79 -34.39 2.48
N ASP B 262 -26.74 -35.20 2.55
CA ASP B 262 -26.95 -36.64 2.65
C ASP B 262 -27.72 -36.99 3.93
N LEU B 263 -27.40 -36.30 5.03
CA LEU B 263 -28.14 -36.48 6.26
C LEU B 263 -29.59 -36.06 6.09
N LEU B 264 -29.83 -34.95 5.38
CA LEU B 264 -31.19 -34.52 5.11
C LEU B 264 -31.95 -35.56 4.31
N ALA B 265 -31.30 -36.13 3.30
CA ALA B 265 -31.96 -37.15 2.48
C ALA B 265 -32.31 -38.37 3.30
N GLU B 266 -31.36 -38.89 4.07
CA GLU B 266 -31.65 -40.07 4.87
C GLU B 266 -32.53 -39.77 6.07
N LYS B 267 -32.76 -38.50 6.39
CA LYS B 267 -33.55 -38.11 7.55
C LYS B 267 -35.00 -37.83 7.20
N VAL B 268 -35.26 -36.97 6.22
CA VAL B 268 -36.64 -36.63 5.86
C VAL B 268 -37.35 -37.82 5.25
N LEU B 269 -36.61 -38.80 4.72
CA LEU B 269 -37.24 -40.04 4.27
C LEU B 269 -37.91 -40.76 5.42
N ALA B 270 -37.19 -40.94 6.53
CA ALA B 270 -37.77 -41.45 7.77
C ALA B 270 -38.39 -40.28 8.52
N GLY B 271 -39.51 -39.80 7.99
CA GLY B 271 -40.14 -38.58 8.47
C GLY B 271 -40.53 -38.59 9.93
N LYS B 272 -39.80 -37.82 10.74
CA LYS B 272 -40.13 -37.64 12.15
C LYS B 272 -40.23 -36.18 12.57
N SER B 273 -39.46 -35.27 11.96
CA SER B 273 -39.55 -33.85 12.22
C SER B 273 -40.11 -33.18 10.97
N LYS B 274 -41.19 -32.43 11.13
CA LYS B 274 -41.92 -31.83 10.02
C LYS B 274 -41.38 -30.43 9.76
N ILE B 275 -41.08 -30.14 8.50
CA ILE B 275 -40.50 -28.85 8.15
C ILE B 275 -41.50 -27.72 8.40
N GLU B 276 -42.78 -27.97 8.14
CA GLU B 276 -43.79 -26.93 8.30
C GLU B 276 -43.95 -26.50 9.75
N ASP B 277 -43.47 -27.29 10.71
CA ASP B 277 -43.51 -26.87 12.11
C ASP B 277 -42.71 -25.59 12.33
N TYR B 278 -41.53 -25.51 11.72
CA TYR B 278 -40.70 -24.31 11.84
C TYR B 278 -40.95 -23.34 10.70
N PHE B 279 -41.36 -23.82 9.53
CA PHE B 279 -41.64 -22.99 8.36
C PHE B 279 -43.00 -23.35 7.82
N PRO B 280 -44.06 -22.72 8.33
CA PRO B 280 -45.41 -23.04 7.85
C PRO B 280 -45.62 -22.76 6.37
N GLU B 281 -44.85 -21.86 5.78
CA GLU B 281 -44.96 -21.58 4.36
C GLU B 281 -44.56 -22.76 3.50
N PHE B 282 -43.88 -23.75 4.06
CA PHE B 282 -43.52 -24.96 3.33
C PHE B 282 -44.75 -25.75 2.90
N ALA B 283 -45.90 -25.52 3.54
CA ALA B 283 -47.11 -26.30 3.23
C ALA B 283 -47.52 -26.11 1.78
N ARG B 284 -47.87 -24.88 1.40
CA ARG B 284 -48.29 -24.60 0.03
C ARG B 284 -47.11 -24.22 -0.87
N TYR B 285 -46.08 -25.08 -0.84
CA TYR B 285 -44.89 -24.90 -1.65
C TYR B 285 -44.89 -25.92 -2.79
N THR B 286 -44.45 -25.48 -3.96
CA THR B 286 -44.39 -26.32 -5.15
C THR B 286 -42.97 -26.33 -5.69
N THR B 287 -42.49 -27.51 -6.08
CA THR B 287 -41.15 -27.63 -6.63
C THR B 287 -41.07 -26.81 -7.92
N PRO B 288 -40.11 -25.88 -8.02
CA PRO B 288 -40.04 -25.06 -9.24
C PRO B 288 -39.74 -25.90 -10.47
N GLU B 289 -40.27 -25.44 -11.61
CA GLU B 289 -40.11 -26.19 -12.85
C GLU B 289 -38.64 -26.33 -13.25
N ASP B 290 -37.80 -25.36 -12.89
CA ASP B 290 -36.38 -25.45 -13.20
C ASP B 290 -35.64 -26.24 -12.13
N ALA B 291 -36.13 -27.43 -11.81
CA ALA B 291 -35.48 -28.31 -10.86
C ALA B 291 -34.48 -29.21 -11.58
N THR B 292 -33.56 -29.77 -10.81
CA THR B 292 -32.55 -30.69 -11.33
C THR B 292 -32.31 -31.80 -10.33
N PRO B 293 -33.24 -32.75 -10.22
CA PRO B 293 -33.05 -33.85 -9.28
C PRO B 293 -32.00 -34.83 -9.78
N GLU B 294 -31.17 -35.29 -8.85
CA GLU B 294 -30.16 -36.28 -9.20
C GLU B 294 -30.84 -37.60 -9.55
N PRO B 295 -30.22 -38.41 -10.41
CA PRO B 295 -30.81 -39.71 -10.76
C PRO B 295 -30.97 -40.59 -9.54
N GLY B 296 -32.08 -41.34 -9.51
CA GLY B 296 -32.37 -42.22 -8.40
C GLY B 296 -32.59 -41.48 -7.09
N GLU B 297 -33.35 -40.40 -7.13
CA GLU B 297 -33.64 -39.60 -5.95
C GLU B 297 -35.14 -39.48 -5.77
N ASP B 298 -35.59 -39.68 -4.53
CA ASP B 298 -37.00 -39.52 -4.21
C ASP B 298 -37.41 -38.07 -4.47
N PRO B 299 -38.46 -37.84 -5.28
CA PRO B 299 -38.95 -36.46 -5.44
C PRO B 299 -39.43 -35.84 -4.15
N ARG B 300 -39.78 -36.64 -3.15
CA ARG B 300 -40.16 -36.09 -1.85
C ARG B 300 -38.96 -35.84 -0.95
N VAL B 301 -37.89 -35.26 -1.50
CA VAL B 301 -36.86 -34.60 -0.73
C VAL B 301 -36.54 -33.30 -1.46
N THR B 302 -36.91 -33.26 -2.74
CA THR B 302 -36.51 -32.17 -3.62
C THR B 302 -37.28 -30.90 -3.31
N ARG B 303 -38.56 -31.04 -2.93
CA ARG B 303 -39.33 -29.89 -2.50
C ARG B 303 -38.68 -29.21 -1.30
N ALA B 304 -38.24 -30.01 -0.32
CA ALA B 304 -37.56 -29.44 0.85
C ALA B 304 -36.21 -28.85 0.46
N LYS B 305 -35.45 -29.54 -0.39
CA LYS B 305 -34.18 -29.01 -0.88
C LYS B 305 -34.36 -27.61 -1.44
N TYR B 306 -35.22 -27.49 -2.45
CA TYR B 306 -35.39 -26.19 -3.08
C TYR B 306 -36.12 -25.20 -2.19
N PHE B 307 -36.88 -25.67 -1.20
CA PHE B 307 -37.45 -24.74 -0.23
C PHE B 307 -36.36 -24.07 0.59
N ILE B 308 -35.47 -24.86 1.18
CA ILE B 308 -34.40 -24.26 1.97
C ILE B 308 -33.47 -23.47 1.07
N ARG B 309 -33.34 -23.85 -0.20
CA ARG B 309 -32.51 -23.08 -1.11
C ARG B 309 -33.13 -21.72 -1.43
N ASP B 310 -34.41 -21.69 -1.80
CA ASP B 310 -34.97 -20.42 -2.24
C ASP B 310 -35.38 -19.53 -1.09
N GLU B 311 -35.42 -20.05 0.15
CA GLU B 311 -35.47 -19.14 1.29
C GLU B 311 -34.24 -18.24 1.29
N PHE B 312 -33.06 -18.84 1.21
CA PHE B 312 -31.83 -18.07 1.12
C PHE B 312 -31.83 -17.20 -0.14
N LEU B 313 -32.31 -17.76 -1.25
CA LEU B 313 -32.31 -17.01 -2.50
C LEU B 313 -33.19 -15.75 -2.40
N ARG B 314 -34.37 -15.87 -1.80
CA ARG B 314 -35.24 -14.72 -1.67
C ARG B 314 -34.70 -13.72 -0.66
N ILE B 315 -33.97 -14.19 0.36
CA ILE B 315 -33.26 -13.26 1.22
C ILE B 315 -32.21 -12.51 0.43
N SER B 316 -31.55 -13.19 -0.51
CA SER B 316 -30.49 -12.55 -1.29
C SER B 316 -31.05 -11.53 -2.28
N THR B 317 -32.09 -11.90 -3.02
CA THR B 317 -32.59 -11.05 -4.09
C THR B 317 -33.13 -9.73 -3.55
N ALA B 318 -33.84 -9.77 -2.42
CA ALA B 318 -34.35 -8.56 -1.82
C ALA B 318 -33.20 -7.62 -1.48
N SER B 319 -33.35 -6.35 -1.86
CA SER B 319 -32.37 -5.31 -1.60
C SER B 319 -31.02 -5.62 -2.25
N GLY B 320 -31.03 -6.35 -3.36
CA GLY B 320 -29.83 -6.58 -4.12
C GLY B 320 -29.89 -5.96 -5.50
N ASP B 321 -29.13 -4.90 -5.74
CA ASP B 321 -29.18 -4.19 -7.00
C ASP B 321 -28.07 -4.64 -7.95
N GLY B 322 -27.96 -5.94 -8.17
CA GLY B 322 -27.12 -6.48 -9.21
C GLY B 322 -25.62 -6.35 -9.02
N ARG B 323 -25.17 -5.58 -8.03
CA ARG B 323 -23.73 -5.47 -7.80
C ARG B 323 -23.12 -6.76 -7.29
N HIS B 324 -23.92 -7.63 -6.67
CA HIS B 324 -23.45 -8.93 -6.22
C HIS B 324 -24.62 -9.87 -6.20
N TYR B 325 -24.36 -11.15 -6.49
CA TYR B 325 -25.40 -12.14 -6.62
C TYR B 325 -25.13 -13.30 -5.67
N CYS B 326 -26.10 -14.21 -5.61
CA CYS B 326 -26.04 -15.39 -4.76
C CYS B 326 -25.95 -16.63 -5.64
N TYR B 327 -25.08 -17.56 -5.26
CA TYR B 327 -24.78 -18.73 -6.07
C TYR B 327 -24.95 -19.98 -5.22
N PRO B 328 -26.17 -20.47 -5.06
CA PRO B 328 -26.39 -21.66 -4.24
C PRO B 328 -25.80 -22.90 -4.86
N HIS B 329 -25.45 -23.86 -4.01
CA HIS B 329 -24.93 -25.15 -4.46
C HIS B 329 -25.39 -26.23 -3.49
N PHE B 330 -25.37 -27.47 -3.96
CA PHE B 330 -25.82 -28.63 -3.20
C PHE B 330 -24.64 -29.59 -3.02
N THR B 331 -23.85 -29.39 -1.98
CA THR B 331 -22.87 -30.37 -1.55
C THR B 331 -23.37 -31.04 -0.28
N CYS B 332 -23.00 -32.31 -0.09
CA CYS B 332 -23.53 -33.08 1.02
C CYS B 332 -22.48 -33.36 2.09
N SER B 333 -21.44 -34.13 1.77
CA SER B 333 -20.34 -34.25 2.72
C SER B 333 -18.97 -34.19 2.06
N VAL B 334 -18.83 -34.89 0.93
CA VAL B 334 -17.50 -35.18 0.39
C VAL B 334 -17.45 -34.91 -1.11
N ASP B 335 -18.33 -34.05 -1.61
CA ASP B 335 -18.30 -33.72 -3.03
C ASP B 335 -16.93 -33.22 -3.44
N THR B 336 -16.23 -33.98 -4.29
CA THR B 336 -14.88 -33.61 -4.68
C THR B 336 -14.89 -32.37 -5.56
N GLU B 337 -16.01 -32.09 -6.23
CA GLU B 337 -16.10 -30.98 -7.17
C GLU B 337 -16.54 -29.68 -6.50
N ASN B 338 -15.88 -29.35 -5.38
CA ASN B 338 -16.11 -28.07 -4.73
C ASN B 338 -15.14 -27.02 -5.24
N ALA B 339 -13.89 -27.41 -5.51
CA ALA B 339 -12.95 -26.48 -6.11
C ALA B 339 -13.42 -26.03 -7.48
N ARG B 340 -13.95 -26.96 -8.27
CA ARG B 340 -14.48 -26.59 -9.59
C ARG B 340 -15.67 -25.66 -9.48
N ARG B 341 -16.55 -25.90 -8.50
CA ARG B 341 -17.68 -25.01 -8.29
C ARG B 341 -17.22 -23.60 -7.95
N ILE B 342 -16.25 -23.50 -7.04
CA ILE B 342 -15.73 -22.19 -6.67
C ILE B 342 -15.06 -21.52 -7.86
N PHE B 343 -14.36 -22.31 -8.68
CA PHE B 343 -13.70 -21.77 -9.86
C PHE B 343 -14.71 -21.18 -10.84
N ASN B 344 -15.74 -21.95 -11.17
CA ASN B 344 -16.77 -21.47 -12.09
C ASN B 344 -17.49 -20.26 -11.53
N ASP B 345 -17.78 -20.28 -10.23
CA ASP B 345 -18.49 -19.18 -9.61
C ASP B 345 -17.65 -17.91 -9.61
N CYS B 346 -16.35 -18.04 -9.37
CA CYS B 346 -15.47 -16.87 -9.43
C CYS B 346 -15.37 -16.33 -10.84
N ARG B 347 -15.32 -17.23 -11.83
CA ARG B 347 -15.31 -16.78 -13.23
C ARG B 347 -16.58 -16.00 -13.54
N ASP B 348 -17.73 -16.52 -13.11
CA ASP B 348 -18.99 -15.81 -13.33
C ASP B 348 -19.00 -14.47 -12.63
N ILE B 349 -18.47 -14.41 -11.41
CA ILE B 349 -18.46 -13.15 -10.66
C ILE B 349 -17.63 -12.11 -11.40
N ILE B 350 -16.44 -12.49 -11.84
CA ILE B 350 -15.58 -11.54 -12.54
C ILE B 350 -16.20 -11.11 -13.85
N GLN B 351 -16.75 -12.07 -14.60
CA GLN B 351 -17.37 -11.75 -15.88
C GLN B 351 -18.53 -10.79 -15.71
N ARG B 352 -19.38 -11.01 -14.71
CA ARG B 352 -20.52 -10.14 -14.50
C ARG B 352 -20.09 -8.77 -13.99
N MET B 353 -19.04 -8.72 -13.16
CA MET B 353 -18.53 -7.43 -12.71
C MET B 353 -18.04 -6.61 -13.90
N HIS B 354 -17.27 -7.23 -14.79
CA HIS B 354 -16.79 -6.51 -15.96
C HIS B 354 -17.94 -6.13 -16.89
N LEU B 355 -18.86 -7.05 -17.15
CA LEU B 355 -19.99 -6.76 -18.02
C LEU B 355 -20.90 -5.69 -17.45
N ARG B 356 -20.90 -5.48 -16.13
CA ARG B 356 -21.59 -4.32 -15.59
C ARG B 356 -20.75 -3.07 -15.77
N GLN B 357 -19.43 -3.18 -15.61
CA GLN B 357 -18.56 -2.05 -15.94
C GLN B 357 -18.59 -1.76 -17.44
N TYR B 358 -18.49 -2.80 -18.25
CA TYR B 358 -18.56 -2.67 -19.71
C TYR B 358 -20.04 -2.72 -20.02
N GLU B 359 -20.71 -1.58 -20.06
CA GLU B 359 -22.13 -1.54 -19.71
C GLU B 359 -22.92 -2.32 -20.75
N LEU B 360 -23.09 -3.62 -20.49
CA LEU B 360 -23.75 -4.54 -21.40
C LEU B 360 -24.72 -5.44 -20.66
N LEU B 361 -24.69 -5.39 -19.33
CA LEU B 361 -25.51 -6.27 -18.52
C LEU B 361 -26.37 -5.47 -17.55
N GLU C 8 -29.50 -11.47 46.87
CA GLU C 8 -30.26 -11.79 45.66
C GLU C 8 -29.68 -11.07 44.45
N LEU C 9 -30.06 -11.51 43.25
CA LEU C 9 -29.55 -10.90 42.03
C LEU C 9 -30.19 -9.53 41.79
N ASP C 10 -31.51 -9.43 42.05
CA ASP C 10 -32.20 -8.17 41.81
C ASP C 10 -31.66 -7.06 42.72
N GLN C 11 -31.45 -7.37 44.00
CA GLN C 11 -30.91 -6.36 44.90
C GLN C 11 -29.49 -5.97 44.49
N LEU C 12 -28.68 -6.96 44.09
CA LEU C 12 -27.31 -6.69 43.64
C LEU C 12 -27.31 -5.73 42.46
N ARG C 13 -28.15 -6.01 41.46
CA ARG C 13 -28.30 -5.07 40.35
C ARG C 13 -28.81 -3.72 40.83
N GLN C 14 -29.58 -3.71 41.91
CA GLN C 14 -30.06 -2.45 42.45
C GLN C 14 -28.88 -1.59 42.88
N GLU C 15 -28.07 -2.09 43.81
CA GLU C 15 -26.95 -1.30 44.31
C GLU C 15 -26.06 -0.89 43.15
N ALA C 16 -25.92 -1.78 42.17
CA ALA C 16 -25.14 -1.44 41.00
C ALA C 16 -25.73 -0.18 40.38
N GLU C 17 -27.03 -0.21 40.10
CA GLU C 17 -27.69 0.94 39.49
C GLU C 17 -27.50 2.21 40.33
N GLN C 18 -27.62 2.09 41.66
CA GLN C 18 -27.47 3.30 42.46
C GLN C 18 -26.01 3.77 42.48
N LEU C 19 -25.05 2.85 42.39
CA LEU C 19 -23.66 3.26 42.22
C LEU C 19 -23.46 3.98 40.89
N LYS C 20 -24.10 3.50 39.83
CA LYS C 20 -24.01 4.20 38.56
C LYS C 20 -24.60 5.61 38.66
N ASN C 21 -25.72 5.74 39.37
CA ASN C 21 -26.32 7.06 39.59
C ASN C 21 -25.38 7.96 40.39
N GLN C 22 -24.73 7.40 41.41
CA GLN C 22 -23.76 8.15 42.19
C GLN C 22 -22.52 8.52 41.38
N ILE C 23 -22.20 7.72 40.36
CA ILE C 23 -21.16 8.12 39.41
C ILE C 23 -21.61 9.33 38.61
N ARG C 24 -22.80 9.25 38.02
CA ARG C 24 -23.21 10.27 37.05
C ARG C 24 -23.50 11.60 37.73
N ASP C 25 -24.14 11.59 38.89
CA ASP C 25 -24.44 12.87 39.55
C ASP C 25 -23.18 13.53 40.08
N ALA C 26 -22.25 12.73 40.61
CA ALA C 26 -20.97 13.28 41.04
C ALA C 26 -20.19 13.84 39.85
N ARG C 27 -20.27 13.17 38.70
CA ARG C 27 -19.60 13.67 37.51
C ARG C 27 -20.19 15.00 37.07
N LYS C 28 -21.52 15.10 37.04
CA LYS C 28 -22.15 16.32 36.58
C LYS C 28 -22.12 17.44 37.62
N ALA C 29 -21.78 17.13 38.88
CA ALA C 29 -21.73 18.15 39.90
C ALA C 29 -20.66 19.20 39.58
N CYS C 30 -19.49 18.74 39.17
CA CYS C 30 -18.36 19.61 38.87
C CYS C 30 -18.27 19.93 37.38
N ALA C 31 -19.33 20.50 36.81
CA ALA C 31 -19.39 20.76 35.37
C ALA C 31 -19.98 22.13 35.09
N ASP C 32 -19.45 23.17 35.77
CA ASP C 32 -20.01 24.51 35.61
C ASP C 32 -19.82 25.01 34.17
N ALA C 33 -18.66 24.78 33.58
CA ALA C 33 -18.30 25.36 32.30
C ALA C 33 -17.78 24.29 31.36
N THR C 34 -17.60 24.68 30.10
CA THR C 34 -17.08 23.83 29.04
C THR C 34 -15.88 24.51 28.38
N LEU C 35 -15.11 23.72 27.63
CA LEU C 35 -14.00 24.29 26.88
C LEU C 35 -14.46 25.39 25.94
N SER C 36 -15.68 25.29 25.42
CA SER C 36 -16.18 26.29 24.48
C SER C 36 -16.26 27.66 25.15
N GLN C 37 -16.77 27.71 26.39
CA GLN C 37 -16.90 29.00 27.07
C GLN C 37 -15.55 29.62 27.35
N ILE C 38 -14.58 28.81 27.78
CA ILE C 38 -13.25 29.34 28.12
C ILE C 38 -12.41 29.62 26.90
N THR C 39 -12.76 29.06 25.73
CA THR C 39 -11.99 29.25 24.51
C THR C 39 -12.62 30.24 23.56
N ASN C 40 -13.88 30.64 23.78
CA ASN C 40 -14.53 31.61 22.90
C ASN C 40 -13.77 32.92 22.87
N ASN C 41 -13.33 33.39 24.03
CA ASN C 41 -12.49 34.59 24.08
C ASN C 41 -11.12 34.33 23.49
N ILE C 42 -10.62 33.10 23.59
CA ILE C 42 -9.31 32.78 23.05
C ILE C 42 -9.34 32.87 21.53
N ASP C 43 -8.23 33.30 20.94
CA ASP C 43 -8.16 33.51 19.50
C ASP C 43 -8.27 32.18 18.76
N PRO C 44 -9.28 31.98 17.92
CA PRO C 44 -9.33 30.76 17.12
C PRO C 44 -8.16 30.69 16.15
N VAL C 45 -7.67 29.48 15.91
CA VAL C 45 -6.59 29.30 14.96
C VAL C 45 -7.11 29.53 13.55
N GLY C 46 -6.21 29.94 12.66
CA GLY C 46 -6.57 30.18 11.29
C GLY C 46 -6.80 28.88 10.53
N ARG C 47 -7.15 29.02 9.25
CA ARG C 47 -7.37 27.86 8.41
C ARG C 47 -6.04 27.23 8.03
N ILE C 48 -5.60 26.22 8.79
CA ILE C 48 -4.32 25.59 8.52
C ILE C 48 -4.39 24.85 7.19
N GLN C 49 -3.32 24.93 6.41
CA GLN C 49 -3.27 24.38 5.06
C GLN C 49 -2.00 23.55 4.91
N MET C 50 -2.10 22.24 5.11
CA MET C 50 -1.01 21.34 4.78
C MET C 50 -1.00 21.04 3.28
N ARG C 51 0.05 20.37 2.84
CA ARG C 51 0.18 19.94 1.46
C ARG C 51 1.10 18.74 1.43
N THR C 52 0.78 17.78 0.58
CA THR C 52 1.66 16.62 0.43
C THR C 52 2.99 17.08 -0.12
N ARG C 53 4.06 16.68 0.56
CA ARG C 53 5.40 17.07 0.15
C ARG C 53 6.20 15.92 -0.42
N ARG C 54 5.67 14.70 -0.32
CA ARG C 54 6.25 13.52 -0.95
C ARG C 54 5.33 12.33 -0.77
N THR C 55 5.38 11.39 -1.71
CA THR C 55 4.50 10.23 -1.72
C THR C 55 5.33 8.96 -1.68
N LEU C 56 4.85 7.96 -0.95
CA LEU C 56 5.60 6.75 -0.68
C LEU C 56 4.88 5.59 -1.35
N ARG C 57 5.19 5.37 -2.62
CA ARG C 57 4.63 4.25 -3.35
C ARG C 57 5.39 2.97 -3.01
N GLY C 58 4.71 1.84 -3.15
CA GLY C 58 5.36 0.57 -2.88
C GLY C 58 4.48 -0.51 -2.29
N HIS C 59 3.50 -0.14 -1.45
CA HIS C 59 2.60 -1.15 -0.92
C HIS C 59 1.68 -1.70 -1.99
N LEU C 60 1.48 -3.01 -1.94
CA LEU C 60 0.68 -3.72 -2.93
C LEU C 60 -0.81 -3.54 -2.72
N ALA C 61 -1.23 -3.33 -1.48
CA ALA C 61 -2.65 -3.36 -1.15
C ALA C 61 -2.90 -2.35 -0.03
N LYS C 62 -4.06 -2.48 0.63
CA LYS C 62 -4.51 -1.52 1.62
C LYS C 62 -3.47 -1.35 2.73
N ILE C 63 -3.54 -0.21 3.41
CA ILE C 63 -2.67 0.10 4.54
C ILE C 63 -3.54 0.27 5.77
N TYR C 64 -3.17 -0.38 6.87
CA TYR C 64 -3.91 -0.26 8.10
C TYR C 64 -3.17 0.43 9.23
N ALA C 65 -1.85 0.53 9.18
CA ALA C 65 -1.13 1.10 10.31
C ALA C 65 0.16 1.76 9.85
N MET C 66 0.59 2.73 10.65
CA MET C 66 1.87 3.40 10.49
C MET C 66 2.28 3.95 11.83
N HIS C 67 3.58 4.22 11.99
CA HIS C 67 4.06 4.72 13.27
C HIS C 67 5.45 5.32 13.06
N TRP C 68 5.61 6.60 13.40
CA TRP C 68 6.90 7.26 13.29
C TRP C 68 7.89 6.74 14.31
N GLY C 69 9.17 6.84 13.96
CA GLY C 69 10.22 6.56 14.91
C GLY C 69 10.45 7.70 15.85
N THR C 70 11.34 7.47 16.83
CA THR C 70 11.68 8.52 17.77
C THR C 70 12.64 9.54 17.17
N ASP C 71 13.33 9.20 16.09
CA ASP C 71 14.15 10.17 15.38
C ASP C 71 13.32 11.13 14.54
N SER C 72 12.02 10.87 14.40
CA SER C 72 11.11 11.65 13.58
C SER C 72 11.52 11.65 12.11
N ARG C 73 12.29 10.68 11.69
CA ARG C 73 12.67 10.58 10.29
C ARG C 73 12.39 9.21 9.70
N LEU C 74 12.58 8.14 10.47
CA LEU C 74 12.24 6.81 9.99
C LEU C 74 10.75 6.56 10.13
N LEU C 75 10.28 5.51 9.47
CA LEU C 75 8.86 5.23 9.43
C LEU C 75 8.66 3.73 9.23
N VAL C 76 7.50 3.23 9.66
CA VAL C 76 7.12 1.85 9.43
C VAL C 76 5.63 1.83 9.16
N SER C 77 5.21 0.98 8.22
CA SER C 77 3.80 0.88 7.86
C SER C 77 3.45 -0.56 7.52
N ALA C 78 2.19 -0.89 7.72
CA ALA C 78 1.70 -2.26 7.56
C ALA C 78 0.65 -2.29 6.44
N SER C 79 0.55 -3.44 5.78
CA SER C 79 -0.32 -3.54 4.63
C SER C 79 -0.92 -4.94 4.56
N GLN C 80 -2.01 -5.04 3.80
CA GLN C 80 -2.71 -6.31 3.69
C GLN C 80 -1.92 -7.35 2.91
N ASP C 81 -1.07 -6.93 1.98
CA ASP C 81 -0.21 -7.88 1.30
C ASP C 81 0.70 -8.63 2.26
N GLY C 82 0.94 -8.08 3.44
CA GLY C 82 1.73 -8.75 4.45
C GLY C 82 3.18 -8.30 4.48
N LYS C 83 3.41 -6.99 4.38
CA LYS C 83 4.76 -6.45 4.44
C LYS C 83 4.80 -5.23 5.34
N LEU C 84 5.93 -5.10 6.04
CA LEU C 84 6.31 -3.88 6.72
C LEU C 84 7.43 -3.23 5.94
N ILE C 85 7.31 -1.93 5.69
CA ILE C 85 8.31 -1.18 4.94
C ILE C 85 8.81 -0.05 5.81
N ILE C 86 10.13 0.10 5.89
CA ILE C 86 10.74 1.16 6.66
C ILE C 86 11.28 2.19 5.69
N TRP C 87 10.66 3.37 5.68
CA TRP C 87 11.03 4.43 4.77
C TRP C 87 12.02 5.39 5.43
N ASP C 88 12.81 6.05 4.61
CA ASP C 88 13.55 7.24 5.03
C ASP C 88 12.71 8.41 4.56
N SER C 89 11.88 8.94 5.46
CA SER C 89 10.89 9.93 5.07
C SER C 89 11.51 11.19 4.49
N TYR C 90 12.78 11.48 4.79
CA TYR C 90 13.40 12.65 4.21
C TYR C 90 13.61 12.48 2.72
N THR C 91 14.03 11.30 2.28
CA THR C 91 14.38 11.06 0.89
C THR C 91 13.51 10.02 0.21
N THR C 92 12.42 9.58 0.83
CA THR C 92 11.53 8.55 0.29
C THR C 92 12.27 7.25 -0.03
N ASN C 93 13.46 7.06 0.53
CA ASN C 93 14.17 5.81 0.36
C ASN C 93 13.48 4.70 1.15
N LYS C 94 13.72 3.47 0.73
CA LYS C 94 13.26 2.31 1.47
C LYS C 94 14.45 1.68 2.19
N VAL C 95 14.30 1.48 3.50
CA VAL C 95 15.38 0.96 4.32
C VAL C 95 15.26 -0.55 4.50
N HIS C 96 14.09 -1.03 4.89
CA HIS C 96 13.84 -2.46 5.04
C HIS C 96 12.48 -2.79 4.46
N ALA C 97 12.35 -4.04 4.02
CA ALA C 97 11.06 -4.59 3.59
C ALA C 97 10.89 -5.92 4.30
N ILE C 98 9.98 -5.98 5.27
CA ILE C 98 9.83 -7.11 6.15
C ILE C 98 8.58 -7.87 5.75
N PRO C 99 8.70 -9.08 5.19
CA PRO C 99 7.50 -9.88 4.90
C PRO C 99 7.00 -10.60 6.14
N LEU C 100 5.69 -10.57 6.32
CA LEU C 100 5.05 -11.12 7.51
C LEU C 100 4.58 -12.55 7.28
N ARG C 101 4.39 -13.28 8.38
CA ARG C 101 3.84 -14.62 8.30
C ARG C 101 2.37 -14.59 7.93
N SER C 102 1.60 -13.70 8.56
CA SER C 102 0.18 -13.58 8.32
C SER C 102 -0.10 -12.29 7.55
N SER C 103 -0.87 -12.41 6.47
CA SER C 103 -1.10 -11.27 5.60
C SER C 103 -2.07 -10.26 6.19
N TRP C 104 -2.98 -10.69 7.07
CA TRP C 104 -4.04 -9.80 7.55
C TRP C 104 -3.60 -9.08 8.83
N VAL C 105 -2.49 -8.36 8.69
CA VAL C 105 -2.02 -7.52 9.79
C VAL C 105 -2.96 -6.33 9.97
N MET C 106 -3.12 -5.89 11.21
CA MET C 106 -4.02 -4.80 11.53
C MET C 106 -3.38 -3.69 12.35
N THR C 107 -2.12 -3.85 12.76
CA THR C 107 -1.46 -2.81 13.53
C THR C 107 0.04 -2.97 13.41
N CYS C 108 0.76 -1.91 13.73
CA CYS C 108 2.21 -1.94 13.77
C CYS C 108 2.70 -0.90 14.76
N ALA C 109 3.92 -1.09 15.24
CA ALA C 109 4.53 -0.17 16.18
C ALA C 109 6.04 -0.21 16.02
N TYR C 110 6.69 0.89 16.36
CA TYR C 110 8.13 1.04 16.17
C TYR C 110 8.72 1.32 17.56
N ALA C 111 9.71 0.52 17.96
CA ALA C 111 10.22 0.61 19.32
C ALA C 111 10.87 1.98 19.56
N PRO C 112 10.75 2.52 20.78
CA PRO C 112 11.36 3.83 21.05
C PRO C 112 12.86 3.84 20.84
N SER C 113 13.55 2.75 21.16
CA SER C 113 14.99 2.69 20.93
C SER C 113 15.32 2.60 19.44
N GLY C 114 14.35 2.29 18.60
CA GLY C 114 14.59 2.11 17.19
C GLY C 114 15.14 0.76 16.81
N ASN C 115 15.28 -0.16 17.76
CA ASN C 115 15.84 -1.47 17.47
C ASN C 115 14.80 -2.51 17.09
N TYR C 116 13.53 -2.26 17.36
CA TYR C 116 12.48 -3.26 17.15
C TYR C 116 11.25 -2.64 16.51
N VAL C 117 10.51 -3.46 15.78
CA VAL C 117 9.17 -3.12 15.33
C VAL C 117 8.25 -4.29 15.69
N ALA C 118 6.97 -3.97 15.81
CA ALA C 118 5.96 -4.97 16.15
C ALA C 118 4.79 -4.87 15.19
N CYS C 119 4.13 -6.00 14.97
CA CYS C 119 2.95 -6.02 14.11
C CYS C 119 2.04 -7.15 14.55
N GLY C 120 0.74 -6.94 14.37
CA GLY C 120 -0.24 -7.95 14.71
C GLY C 120 -1.51 -7.72 13.93
N GLY C 121 -2.34 -8.77 13.88
CA GLY C 121 -3.56 -8.69 13.11
C GLY C 121 -4.62 -9.71 13.49
N LEU C 122 -5.28 -10.26 12.48
CA LEU C 122 -6.37 -11.20 12.73
C LEU C 122 -5.87 -12.47 13.41
N ASP C 123 -4.68 -12.93 13.03
CA ASP C 123 -4.01 -13.95 13.83
C ASP C 123 -3.69 -13.37 15.20
N ASN C 124 -4.00 -14.12 16.25
CA ASN C 124 -3.92 -13.59 17.60
C ASN C 124 -2.49 -13.67 18.13
N ILE C 125 -1.57 -13.13 17.33
CA ILE C 125 -0.14 -13.15 17.63
C ILE C 125 0.42 -11.75 17.48
N CYS C 126 1.29 -11.37 18.41
CA CYS C 126 2.07 -10.15 18.30
C CYS C 126 3.51 -10.53 18.01
N SER C 127 4.06 -10.03 16.91
CA SER C 127 5.38 -10.42 16.44
C SER C 127 6.36 -9.26 16.67
N ILE C 128 7.52 -9.58 17.22
CA ILE C 128 8.57 -8.60 17.50
C ILE C 128 9.71 -8.86 16.53
N TYR C 129 10.11 -7.82 15.80
CA TYR C 129 11.16 -7.92 14.80
C TYR C 129 12.39 -7.16 15.26
N ASN C 130 13.56 -7.69 14.91
CA ASN C 130 14.85 -7.11 15.29
C ASN C 130 15.45 -6.41 14.08
N LEU C 131 15.71 -5.12 14.21
CA LEU C 131 16.25 -4.34 13.10
C LEU C 131 17.77 -4.24 13.13
N LYS C 132 18.37 -4.29 14.30
CA LYS C 132 19.82 -4.10 14.46
C LYS C 132 20.55 -5.43 14.56
N THR C 133 20.10 -6.43 13.82
CA THR C 133 20.74 -7.74 13.85
C THR C 133 22.17 -7.64 13.34
N ARG C 134 23.07 -8.35 14.02
CA ARG C 134 24.48 -8.38 13.61
C ARG C 134 24.65 -9.03 12.25
N GLU C 135 23.71 -9.88 11.83
CA GLU C 135 23.81 -10.61 10.58
C GLU C 135 23.27 -9.82 9.39
N GLY C 136 22.68 -8.66 9.59
CA GLY C 136 22.31 -7.80 8.49
C GLY C 136 20.83 -7.72 8.16
N ASN C 137 20.13 -8.85 8.20
CA ASN C 137 18.73 -8.89 7.81
C ASN C 137 17.84 -8.56 9.01
N VAL C 138 16.53 -8.74 8.84
CA VAL C 138 15.55 -8.50 9.88
C VAL C 138 14.87 -9.82 10.23
N ARG C 139 14.91 -10.19 11.50
CA ARG C 139 14.41 -11.48 11.94
C ARG C 139 13.41 -11.30 13.07
N VAL C 140 12.46 -12.25 13.16
CA VAL C 140 11.52 -12.25 14.27
C VAL C 140 12.25 -12.67 15.54
N SER C 141 11.98 -11.96 16.63
CA SER C 141 12.63 -12.25 17.90
C SER C 141 11.69 -12.83 18.95
N ARG C 142 10.38 -12.72 18.76
CA ARG C 142 9.45 -13.19 19.77
C ARG C 142 8.05 -13.32 19.18
N GLU C 143 7.28 -14.25 19.72
CA GLU C 143 5.88 -14.42 19.38
C GLU C 143 5.06 -14.44 20.67
N LEU C 144 4.00 -13.65 20.71
CA LEU C 144 3.13 -13.55 21.88
C LEU C 144 1.78 -14.14 21.50
N ALA C 145 1.44 -15.29 22.08
CA ALA C 145 0.29 -16.08 21.64
C ALA C 145 -0.75 -16.28 22.73
N GLY C 146 -0.77 -15.43 23.75
CA GLY C 146 -1.73 -15.61 24.82
C GLY C 146 -3.14 -15.09 24.54
N HIS C 147 -3.31 -14.30 23.49
CA HIS C 147 -4.62 -13.71 23.23
C HIS C 147 -5.55 -14.72 22.55
N THR C 148 -6.85 -14.45 22.65
CA THR C 148 -7.85 -15.31 22.06
C THR C 148 -8.61 -14.66 20.90
N GLY C 149 -8.67 -13.32 20.85
CA GLY C 149 -9.28 -12.62 19.75
C GLY C 149 -8.23 -11.97 18.87
N TYR C 150 -8.71 -11.38 17.77
CA TYR C 150 -7.80 -10.72 16.84
C TYR C 150 -7.14 -9.53 17.50
N LEU C 151 -5.90 -9.27 17.12
CA LEU C 151 -5.09 -8.22 17.74
C LEU C 151 -5.27 -6.92 16.97
N SER C 152 -5.43 -5.82 17.71
CA SER C 152 -5.81 -4.56 17.09
C SER C 152 -4.85 -3.41 17.34
N CYS C 153 -3.95 -3.50 18.31
CA CYS C 153 -2.98 -2.42 18.49
C CYS C 153 -1.84 -2.91 19.37
N CYS C 154 -0.66 -2.32 19.17
CA CYS C 154 0.54 -2.65 19.93
C CYS C 154 1.32 -1.38 20.22
N ARG C 155 1.92 -1.30 21.40
CA ARG C 155 2.69 -0.12 21.79
C ARG C 155 3.81 -0.58 22.72
N PHE C 156 5.06 -0.41 22.29
CA PHE C 156 6.18 -0.70 23.16
C PHE C 156 6.22 0.25 24.34
N LEU C 157 6.51 -0.28 25.52
CA LEU C 157 6.85 0.57 26.66
C LEU C 157 8.35 0.84 26.69
N ASP C 158 9.14 -0.21 26.51
CA ASP C 158 10.59 -0.11 26.34
C ASP C 158 11.02 -1.28 25.46
N ASP C 159 12.32 -1.57 25.45
CA ASP C 159 12.80 -2.69 24.65
C ASP C 159 12.32 -4.04 25.15
N ASN C 160 11.76 -4.11 26.36
CA ASN C 160 11.40 -5.39 26.95
C ASN C 160 9.96 -5.44 27.48
N GLN C 161 9.14 -4.44 27.20
CA GLN C 161 7.75 -4.46 27.64
C GLN C 161 6.86 -3.90 26.56
N ILE C 162 5.84 -4.67 26.17
CA ILE C 162 4.87 -4.26 25.17
C ILE C 162 3.48 -4.53 25.72
N VAL C 163 2.51 -3.79 25.22
CA VAL C 163 1.11 -3.92 25.64
C VAL C 163 0.25 -4.09 24.39
N THR C 164 -0.69 -5.02 24.45
CA THR C 164 -1.51 -5.36 23.30
C THR C 164 -2.99 -5.25 23.65
N SER C 165 -3.80 -5.00 22.63
CA SER C 165 -5.25 -4.92 22.77
C SER C 165 -5.88 -5.78 21.69
N SER C 166 -6.74 -6.71 22.09
CA SER C 166 -7.26 -7.72 21.18
C SER C 166 -8.75 -7.56 20.99
N GLY C 167 -9.28 -8.30 20.00
CA GLY C 167 -10.71 -8.36 19.81
C GLY C 167 -11.42 -8.96 21.00
N ASP C 168 -10.79 -9.92 21.67
CA ASP C 168 -11.25 -10.34 22.99
C ASP C 168 -11.28 -9.15 23.93
N THR C 169 -12.27 -9.12 24.80
CA THR C 169 -12.45 -7.98 25.70
C THR C 169 -11.35 -8.01 26.74
N THR C 170 -10.12 -7.82 26.28
CA THR C 170 -8.94 -7.96 27.14
C THR C 170 -7.75 -7.16 26.61
N CYS C 171 -7.01 -6.54 27.50
CA CYS C 171 -5.70 -5.97 27.19
C CYS C 171 -4.68 -6.62 28.09
N ALA C 172 -3.49 -6.87 27.55
CA ALA C 172 -2.47 -7.62 28.27
C ALA C 172 -1.14 -6.87 28.24
N LEU C 173 -0.33 -7.12 29.25
CA LEU C 173 1.03 -6.59 29.32
C LEU C 173 2.01 -7.74 29.22
N TRP C 174 2.88 -7.67 28.24
CA TRP C 174 3.83 -8.74 27.96
C TRP C 174 5.23 -8.32 28.38
N ASP C 175 6.13 -9.29 28.42
CA ASP C 175 7.57 -9.01 28.49
C ASP C 175 8.24 -9.85 27.42
N ILE C 176 8.95 -9.18 26.51
CA ILE C 176 9.48 -9.86 25.32
C ILE C 176 10.55 -10.88 25.71
N GLU C 177 11.30 -10.60 26.79
CA GLU C 177 12.36 -11.51 27.19
C GLU C 177 11.83 -12.90 27.49
N THR C 178 10.70 -12.99 28.19
CA THR C 178 10.12 -14.28 28.56
C THR C 178 8.94 -14.66 27.68
N GLY C 179 8.16 -13.70 27.23
CA GLY C 179 6.98 -13.99 26.44
C GLY C 179 5.74 -14.28 27.24
N GLN C 180 5.73 -14.00 28.54
CA GLN C 180 4.59 -14.28 29.38
C GLN C 180 3.59 -13.12 29.31
N GLN C 181 2.61 -13.13 30.20
CA GLN C 181 1.50 -12.19 30.22
C GLN C 181 1.41 -11.53 31.59
N THR C 182 2.54 -10.94 32.01
CA THR C 182 2.76 -10.41 33.36
C THR C 182 1.51 -9.80 33.99
N THR C 183 0.78 -8.98 33.24
CA THR C 183 -0.47 -8.42 33.74
C THR C 183 -1.50 -8.45 32.63
N THR C 184 -2.73 -8.83 32.98
CA THR C 184 -3.84 -8.85 32.04
C THR C 184 -4.94 -7.93 32.54
N PHE C 185 -5.54 -7.18 31.62
CA PHE C 185 -6.54 -6.18 31.94
C PHE C 185 -7.88 -6.62 31.38
N THR C 186 -8.88 -6.69 32.25
CA THR C 186 -10.21 -7.16 31.87
C THR C 186 -11.26 -6.24 32.47
N GLY C 187 -12.46 -6.29 31.91
CA GLY C 187 -13.55 -5.46 32.37
C GLY C 187 -14.42 -4.95 31.24
N HIS C 188 -13.86 -4.87 30.03
CA HIS C 188 -14.62 -4.44 28.88
C HIS C 188 -15.66 -5.49 28.51
N THR C 189 -16.50 -5.16 27.53
CA THR C 189 -17.50 -6.09 27.01
C THR C 189 -17.50 -6.22 25.51
N GLY C 190 -16.82 -5.33 24.78
CA GLY C 190 -16.74 -5.42 23.34
C GLY C 190 -15.31 -5.57 22.86
N ASP C 191 -15.10 -5.51 21.55
CA ASP C 191 -13.76 -5.68 20.99
C ASP C 191 -12.93 -4.42 21.23
N VAL C 192 -11.81 -4.56 21.93
CA VAL C 192 -10.94 -3.42 22.17
C VAL C 192 -10.22 -3.09 20.87
N MET C 193 -10.40 -1.85 20.40
CA MET C 193 -9.92 -1.46 19.08
C MET C 193 -8.59 -0.70 19.13
N SER C 194 -8.53 0.40 19.86
CA SER C 194 -7.37 1.28 19.84
C SER C 194 -6.63 1.22 21.17
N LEU C 195 -5.49 1.88 21.19
CA LEU C 195 -4.61 1.88 22.35
C LEU C 195 -3.64 3.05 22.23
N SER C 196 -3.21 3.57 23.38
CA SER C 196 -2.31 4.72 23.40
C SER C 196 -1.62 4.77 24.74
N LEU C 197 -0.31 4.92 24.74
CA LEU C 197 0.46 5.03 25.96
C LEU C 197 0.57 6.47 26.41
N ALA C 198 0.44 6.69 27.72
CA ALA C 198 0.66 8.02 28.25
C ALA C 198 2.13 8.40 28.10
N PRO C 199 2.43 9.69 27.96
CA PRO C 199 3.85 10.08 27.81
C PRO C 199 4.58 10.09 29.13
N ASP C 200 4.33 9.07 29.95
CA ASP C 200 5.15 8.76 31.11
C ASP C 200 5.29 7.27 31.35
N THR C 201 4.72 6.44 30.47
CA THR C 201 4.86 4.98 30.54
C THR C 201 4.37 4.43 31.88
N ARG C 202 3.19 4.89 32.30
CA ARG C 202 2.58 4.34 33.51
C ARG C 202 1.09 4.08 33.39
N LEU C 203 0.39 4.63 32.40
CA LEU C 203 -1.02 4.39 32.20
C LEU C 203 -1.30 4.33 30.70
N PHE C 204 -2.48 3.82 30.34
CA PHE C 204 -2.90 3.79 28.95
C PHE C 204 -4.42 3.68 28.89
N VAL C 205 -4.95 3.89 27.69
CA VAL C 205 -6.39 3.91 27.46
C VAL C 205 -6.73 2.98 26.30
N SER C 206 -7.99 2.61 26.20
CA SER C 206 -8.44 1.67 25.18
C SER C 206 -9.93 1.82 24.95
N GLY C 207 -10.33 1.99 23.70
CA GLY C 207 -11.73 1.98 23.31
C GLY C 207 -12.12 0.60 22.81
N ALA C 208 -13.30 0.15 23.20
CA ALA C 208 -13.62 -1.28 23.13
C ALA C 208 -14.99 -1.54 22.52
N CYS C 209 -15.28 -0.89 21.40
CA CYS C 209 -16.41 -1.28 20.55
C CYS C 209 -17.72 -1.28 21.33
N ASP C 210 -17.74 -0.66 22.51
CA ASP C 210 -18.95 -0.54 23.31
C ASP C 210 -19.18 0.90 23.75
N ALA C 211 -18.62 1.87 23.03
CA ALA C 211 -18.79 3.29 23.30
C ALA C 211 -18.19 3.68 24.65
N SER C 212 -17.49 2.74 25.29
CA SER C 212 -16.91 2.97 26.61
C SER C 212 -15.40 2.85 26.52
N ALA C 213 -14.70 3.83 27.08
CA ALA C 213 -13.25 3.80 27.19
C ALA C 213 -12.85 3.64 28.65
N LYS C 214 -11.63 3.19 28.86
CA LYS C 214 -11.15 2.92 30.21
C LYS C 214 -9.71 3.39 30.35
N LEU C 215 -9.32 3.67 31.59
CA LEU C 215 -7.95 4.01 31.95
C LEU C 215 -7.37 2.88 32.78
N TRP C 216 -6.21 2.39 32.38
CA TRP C 216 -5.60 1.23 33.02
C TRP C 216 -4.31 1.63 33.71
N ASP C 217 -3.90 0.81 34.69
CA ASP C 217 -2.67 1.01 35.43
C ASP C 217 -1.73 -0.14 35.09
N VAL C 218 -0.64 0.17 34.38
CA VAL C 218 0.26 -0.86 33.91
C VAL C 218 0.93 -1.61 35.06
N ARG C 219 1.01 -1.00 36.24
CA ARG C 219 1.69 -1.62 37.37
C ARG C 219 0.71 -2.40 38.25
N GLU C 220 -0.30 -1.72 38.78
CA GLU C 220 -1.27 -2.39 39.65
C GLU C 220 -2.04 -3.46 38.90
N GLY C 221 -2.82 -3.06 37.90
CA GLY C 221 -3.50 -4.03 37.06
C GLY C 221 -4.98 -3.80 36.85
N MET C 222 -5.64 -3.11 37.77
CA MET C 222 -7.08 -2.94 37.68
C MET C 222 -7.41 -1.67 36.90
N CYS C 223 -8.61 -1.67 36.29
CA CYS C 223 -9.10 -0.50 35.58
C CYS C 223 -9.28 0.65 36.55
N ARG C 224 -8.45 1.67 36.45
CA ARG C 224 -8.52 2.79 37.38
C ARG C 224 -9.73 3.67 37.13
N GLN C 225 -10.28 3.66 35.92
CA GLN C 225 -11.23 4.70 35.55
C GLN C 225 -11.91 4.30 34.24
N THR C 226 -13.19 4.63 34.12
CA THR C 226 -13.98 4.23 32.95
C THR C 226 -14.87 5.37 32.51
N PHE C 227 -14.96 5.59 31.20
CA PHE C 227 -15.75 6.65 30.61
C PHE C 227 -16.75 6.06 29.63
N THR C 228 -17.96 6.64 29.62
CA THR C 228 -19.03 6.20 28.71
C THR C 228 -19.71 7.45 28.16
N GLY C 229 -19.34 7.83 26.94
CA GLY C 229 -19.94 9.02 26.35
C GLY C 229 -20.23 8.94 24.88
N HIS C 230 -19.92 7.81 24.26
CA HIS C 230 -20.20 7.60 22.84
C HIS C 230 -21.50 6.81 22.70
N GLU C 231 -21.79 6.39 21.47
CA GLU C 231 -22.99 5.60 21.23
C GLU C 231 -22.77 4.46 20.24
N SER C 232 -21.52 4.15 19.89
CA SER C 232 -21.23 3.06 18.97
C SER C 232 -19.79 2.62 19.18
N ASP C 233 -19.26 1.84 18.23
CA ASP C 233 -17.91 1.32 18.36
C ASP C 233 -16.89 2.46 18.38
N ILE C 234 -15.94 2.38 19.30
CA ILE C 234 -14.87 3.37 19.40
C ILE C 234 -13.69 2.87 18.58
N ASN C 235 -13.31 3.63 17.56
CA ASN C 235 -12.33 3.17 16.59
C ASN C 235 -10.91 3.64 16.87
N ALA C 236 -10.73 4.79 17.49
CA ALA C 236 -9.40 5.33 17.71
C ALA C 236 -9.33 6.03 19.05
N ILE C 237 -8.11 6.12 19.58
CA ILE C 237 -7.86 6.76 20.86
C ILE C 237 -6.40 7.19 20.89
N CYS C 238 -6.12 8.27 21.61
CA CYS C 238 -4.77 8.81 21.67
C CYS C 238 -4.67 9.79 22.84
N PHE C 239 -3.57 9.74 23.58
CA PHE C 239 -3.31 10.73 24.61
C PHE C 239 -2.92 12.08 24.04
N PHE C 240 -3.46 13.12 24.67
CA PHE C 240 -2.90 14.46 24.59
C PHE C 240 -1.43 14.42 24.99
N PRO C 241 -0.62 15.36 24.49
CA PRO C 241 0.78 15.42 24.94
C PRO C 241 0.91 15.68 26.44
N ASN C 242 -0.11 16.22 27.09
CA ASN C 242 -0.07 16.42 28.53
C ASN C 242 0.07 15.10 29.28
N GLY C 243 -0.66 14.09 28.85
CA GLY C 243 -0.80 12.87 29.61
C GLY C 243 -1.99 12.85 30.54
N ASN C 244 -2.84 13.87 30.51
CA ASN C 244 -4.04 13.94 31.34
C ASN C 244 -5.28 14.14 30.47
N ALA C 245 -5.25 13.61 29.24
CA ALA C 245 -6.40 13.74 28.35
C ALA C 245 -6.24 12.70 27.25
N PHE C 246 -7.33 12.47 26.52
CA PHE C 246 -7.30 11.57 25.38
C PHE C 246 -8.56 11.80 24.55
N ALA C 247 -8.41 11.66 23.23
CA ALA C 247 -9.48 11.88 22.29
C ALA C 247 -9.92 10.56 21.67
N THR C 248 -11.22 10.44 21.40
CA THR C 248 -11.79 9.24 20.84
C THR C 248 -12.37 9.53 19.46
N GLY C 249 -12.41 8.48 18.64
CA GLY C 249 -13.05 8.56 17.34
C GLY C 249 -13.87 7.31 17.11
N SER C 250 -15.15 7.47 16.82
CA SER C 250 -16.08 6.35 16.81
C SER C 250 -16.83 6.28 15.49
N ASP C 251 -17.56 5.16 15.31
CA ASP C 251 -18.32 4.95 14.10
C ASP C 251 -19.52 5.89 13.97
N ASP C 252 -19.92 6.56 15.04
CA ASP C 252 -21.02 7.52 14.98
C ASP C 252 -20.58 8.87 14.41
N ALA C 253 -19.39 8.93 13.80
CA ALA C 253 -18.88 10.12 13.11
C ALA C 253 -18.65 11.29 14.06
N THR C 254 -18.57 11.04 15.36
CA THR C 254 -18.30 12.07 16.34
C THR C 254 -17.02 11.74 17.10
N CYS C 255 -16.17 12.75 17.27
CA CYS C 255 -15.02 12.65 18.15
C CYS C 255 -15.32 13.33 19.46
N ARG C 256 -14.67 12.86 20.53
CA ARG C 256 -14.91 13.39 21.86
C ARG C 256 -13.61 13.42 22.64
N LEU C 257 -13.43 14.45 23.45
CA LEU C 257 -12.25 14.64 24.27
C LEU C 257 -12.61 14.47 25.74
N PHE C 258 -11.94 13.53 26.40
CA PHE C 258 -12.15 13.26 27.81
C PHE C 258 -11.02 13.87 28.63
N ASP C 259 -11.01 13.56 29.92
CA ASP C 259 -9.93 13.98 30.81
C ASP C 259 -9.88 13.01 31.99
N LEU C 260 -8.69 12.51 32.29
CA LEU C 260 -8.54 11.46 33.30
C LEU C 260 -8.86 11.94 34.71
N ARG C 261 -8.95 13.25 34.94
CA ARG C 261 -9.29 13.76 36.26
C ARG C 261 -10.61 14.54 36.27
N ALA C 262 -11.33 14.60 35.16
CA ALA C 262 -12.63 15.24 35.11
C ALA C 262 -13.78 14.24 35.02
N ASP C 263 -13.57 13.10 34.37
CA ASP C 263 -14.60 12.07 34.20
C ASP C 263 -15.77 12.57 33.37
N GLN C 264 -15.50 13.44 32.40
CA GLN C 264 -16.52 13.86 31.46
C GLN C 264 -15.90 14.04 30.09
N GLU C 265 -16.73 13.93 29.06
CA GLU C 265 -16.36 14.38 27.73
C GLU C 265 -16.40 15.89 27.70
N LEU C 266 -15.46 16.50 26.98
CA LEU C 266 -15.42 17.95 26.95
C LEU C 266 -16.03 18.49 25.66
N MET C 267 -15.41 18.19 24.53
CA MET C 267 -15.88 18.63 23.22
C MET C 267 -16.39 17.47 22.40
N THR C 268 -17.48 17.71 21.69
CA THR C 268 -18.04 16.76 20.73
C THR C 268 -17.74 17.29 19.34
N TYR C 269 -16.98 16.53 18.56
CA TYR C 269 -16.48 16.99 17.27
C TYR C 269 -17.43 16.50 16.19
N SER C 270 -18.52 17.25 16.00
CA SER C 270 -19.58 16.85 15.09
C SER C 270 -19.67 17.84 13.94
N HIS C 271 -20.21 17.34 12.83
CA HIS C 271 -20.46 18.17 11.65
C HIS C 271 -21.50 17.44 10.79
N ASP C 272 -22.60 18.11 10.47
CA ASP C 272 -23.68 17.46 9.75
C ASP C 272 -23.23 16.98 8.38
N ASN C 273 -22.30 17.68 7.75
CA ASN C 273 -21.74 17.21 6.48
C ASN C 273 -21.02 15.88 6.66
N ILE C 274 -20.31 15.71 7.77
CA ILE C 274 -19.62 14.46 8.06
C ILE C 274 -20.64 13.43 8.51
N ILE C 275 -20.66 12.28 7.85
CA ILE C 275 -21.64 11.25 8.17
C ILE C 275 -21.04 9.89 8.46
N CYS C 276 -19.80 9.60 8.06
CA CYS C 276 -19.21 8.29 8.31
C CYS C 276 -18.22 8.36 9.46
N GLY C 277 -17.97 7.20 10.06
CA GLY C 277 -17.26 7.16 11.32
C GLY C 277 -15.76 7.38 11.19
N ILE C 278 -15.18 7.82 12.30
CA ILE C 278 -13.74 8.04 12.38
C ILE C 278 -13.00 6.70 12.37
N THR C 279 -11.74 6.75 11.93
CA THR C 279 -10.94 5.54 11.86
C THR C 279 -9.53 5.69 12.42
N SER C 280 -9.03 6.90 12.66
CA SER C 280 -7.70 7.10 13.21
C SER C 280 -7.59 8.52 13.72
N VAL C 281 -7.04 8.66 14.93
CA VAL C 281 -6.93 9.94 15.60
C VAL C 281 -5.50 10.12 16.07
N SER C 282 -4.98 11.35 15.91
CA SER C 282 -3.66 11.68 16.45
C SER C 282 -3.61 13.16 16.75
N PHE C 283 -2.73 13.53 17.67
CA PHE C 283 -2.58 14.90 18.12
C PHE C 283 -1.33 15.54 17.53
N SER C 284 -1.17 16.83 17.77
CA SER C 284 0.05 17.54 17.44
C SER C 284 0.88 17.74 18.70
N LYS C 285 2.15 18.12 18.50
CA LYS C 285 3.07 18.20 19.63
C LYS C 285 2.59 19.20 20.67
N SER C 286 2.11 20.36 20.23
CA SER C 286 1.59 21.33 21.18
C SER C 286 0.22 20.94 21.72
N GLY C 287 -0.42 19.93 21.14
CA GLY C 287 -1.76 19.59 21.53
C GLY C 287 -2.80 20.60 21.13
N ARG C 288 -2.49 21.47 20.16
CA ARG C 288 -3.44 22.46 19.70
C ARG C 288 -4.16 22.03 18.43
N LEU C 289 -3.62 21.04 17.72
CA LEU C 289 -4.16 20.62 16.44
C LEU C 289 -4.49 19.13 16.52
N LEU C 290 -5.78 18.82 16.65
CA LEU C 290 -6.24 17.43 16.72
C LEU C 290 -6.54 16.95 15.31
N LEU C 291 -5.73 16.02 14.82
CA LEU C 291 -5.89 15.48 13.48
C LEU C 291 -6.64 14.15 13.55
N ALA C 292 -7.64 14.00 12.68
CA ALA C 292 -8.47 12.80 12.68
C ALA C 292 -8.62 12.29 11.25
N GLY C 293 -8.28 11.01 11.05
CA GLY C 293 -8.63 10.36 9.81
C GLY C 293 -10.09 10.00 9.76
N TYR C 294 -10.63 9.84 8.55
CA TYR C 294 -12.04 9.53 8.40
C TYR C 294 -12.21 8.48 7.31
N ASP C 295 -13.45 8.29 6.91
CA ASP C 295 -13.83 7.26 5.94
C ASP C 295 -14.34 7.84 4.62
N ASP C 296 -14.67 9.13 4.59
CA ASP C 296 -15.06 9.81 3.36
C ASP C 296 -13.86 10.31 2.57
N PHE C 297 -12.70 9.67 2.76
CA PHE C 297 -11.49 9.86 1.97
C PHE C 297 -10.71 11.11 2.33
N ASN C 298 -10.95 11.71 3.50
CA ASN C 298 -10.20 12.89 3.92
C ASN C 298 -9.78 12.73 5.36
N CYS C 299 -8.89 13.63 5.80
CA CYS C 299 -8.29 13.55 7.12
C CYS C 299 -8.59 14.78 7.94
N ASN C 300 -9.86 15.17 8.01
CA ASN C 300 -10.31 16.42 8.62
C ASN C 300 -9.49 16.80 9.84
N VAL C 301 -9.00 18.04 9.85
CA VAL C 301 -8.13 18.52 10.91
C VAL C 301 -8.93 19.47 11.79
N TRP C 302 -9.06 19.13 13.07
CA TRP C 302 -9.85 19.90 14.00
C TRP C 302 -8.95 20.59 15.01
N ASP C 303 -9.44 21.68 15.58
CA ASP C 303 -8.72 22.37 16.64
C ASP C 303 -9.15 21.80 17.98
N ALA C 304 -8.17 21.46 18.82
CA ALA C 304 -8.46 20.76 20.07
C ALA C 304 -9.34 21.59 20.98
N LEU C 305 -9.06 22.89 21.10
CA LEU C 305 -9.74 23.71 22.09
C LEU C 305 -11.00 24.38 21.56
N LYS C 306 -11.00 24.81 20.30
CA LYS C 306 -12.08 25.65 19.79
C LYS C 306 -13.20 24.86 19.13
N ALA C 307 -13.03 23.55 18.92
CA ALA C 307 -14.08 22.67 18.46
C ALA C 307 -14.66 23.14 17.12
N ASP C 308 -13.81 23.12 16.10
CA ASP C 308 -14.22 23.43 14.74
C ASP C 308 -13.29 22.71 13.77
N ARG C 309 -13.38 23.08 12.50
CA ARG C 309 -12.52 22.51 11.45
C ARG C 309 -11.68 23.63 10.88
N ALA C 310 -10.38 23.59 11.17
CA ALA C 310 -9.43 24.58 10.67
C ALA C 310 -8.57 24.03 9.54
N GLY C 311 -8.90 22.86 9.01
CA GLY C 311 -8.16 22.29 7.91
C GLY C 311 -8.67 20.95 7.44
N VAL C 312 -8.62 20.70 6.15
CA VAL C 312 -9.03 19.42 5.57
C VAL C 312 -7.87 18.88 4.78
N LEU C 313 -7.33 17.74 5.20
CA LEU C 313 -6.18 17.14 4.56
C LEU C 313 -6.67 16.03 3.61
N ALA C 314 -7.30 16.47 2.53
CA ALA C 314 -7.91 15.58 1.55
C ALA C 314 -6.97 15.45 0.36
N GLY C 315 -6.26 14.32 0.28
CA GLY C 315 -5.42 14.06 -0.85
C GLY C 315 -5.38 12.60 -1.25
N HIS C 316 -6.22 11.79 -0.62
CA HIS C 316 -6.22 10.35 -0.82
C HIS C 316 -7.38 9.92 -1.72
N ASP C 317 -7.21 8.76 -2.35
CA ASP C 317 -8.23 8.23 -3.24
C ASP C 317 -9.20 7.30 -2.53
N ASN C 318 -8.75 6.55 -1.55
CA ASN C 318 -9.58 5.62 -0.81
C ASN C 318 -9.64 6.04 0.65
N ARG C 319 -10.23 5.18 1.48
CA ARG C 319 -10.44 5.52 2.88
C ARG C 319 -9.12 5.55 3.63
N VAL C 320 -8.89 6.66 4.36
CA VAL C 320 -7.73 6.76 5.22
C VAL C 320 -7.89 5.79 6.39
N SER C 321 -6.78 5.19 6.82
CA SER C 321 -6.85 4.21 7.90
C SER C 321 -5.87 4.47 9.05
N CYS C 322 -4.73 5.13 8.80
CA CYS C 322 -3.77 5.39 9.86
C CYS C 322 -3.29 6.83 9.75
N LEU C 323 -2.83 7.38 10.87
CA LEU C 323 -2.52 8.79 10.97
C LEU C 323 -1.60 9.01 12.15
N GLY C 324 -0.40 9.50 11.90
CA GLY C 324 0.56 9.73 12.98
C GLY C 324 1.40 10.95 12.70
N VAL C 325 1.90 11.56 13.78
CA VAL C 325 2.75 12.74 13.69
C VAL C 325 4.14 12.38 14.18
N THR C 326 5.11 13.21 13.81
CA THR C 326 6.48 12.98 14.25
C THR C 326 6.63 13.39 15.71
N ASP C 327 7.62 12.77 16.37
CA ASP C 327 7.95 13.19 17.73
C ASP C 327 8.53 14.59 17.74
N ASP C 328 9.30 14.95 16.72
CA ASP C 328 9.75 16.33 16.59
C ASP C 328 8.55 17.25 16.38
N GLY C 329 7.59 16.83 15.57
CA GLY C 329 6.43 17.64 15.26
C GLY C 329 6.47 18.33 13.92
N MET C 330 7.47 18.03 13.09
CA MET C 330 7.67 18.75 11.84
C MET C 330 6.77 18.26 10.71
N ALA C 331 6.17 17.08 10.82
CA ALA C 331 5.41 16.52 9.71
C ALA C 331 4.24 15.73 10.24
N VAL C 332 3.56 15.04 9.33
CA VAL C 332 2.45 14.14 9.64
C VAL C 332 2.24 13.22 8.45
N ALA C 333 1.98 11.95 8.71
CA ALA C 333 1.81 10.97 7.65
C ALA C 333 0.41 10.38 7.69
N THR C 334 -0.11 10.04 6.52
CA THR C 334 -1.43 9.45 6.39
C THR C 334 -1.35 8.24 5.46
N GLY C 335 -1.88 7.11 5.91
CA GLY C 335 -2.02 5.94 5.08
C GLY C 335 -3.48 5.68 4.81
N SER C 336 -3.78 5.19 3.60
CA SER C 336 -5.16 4.95 3.21
C SER C 336 -5.25 3.64 2.45
N TRP C 337 -6.48 3.23 2.16
CA TRP C 337 -6.75 1.98 1.46
C TRP C 337 -6.33 2.03 0.00
N ASP C 338 -5.72 3.12 -0.46
CA ASP C 338 -5.23 3.24 -1.82
C ASP C 338 -3.79 2.77 -1.97
N SER C 339 -3.19 2.24 -0.91
CA SER C 339 -1.83 1.72 -0.89
C SER C 339 -0.78 2.81 -1.01
N PHE C 340 -1.13 4.06 -0.69
CA PHE C 340 -0.19 5.16 -0.73
C PHE C 340 -0.09 5.80 0.65
N LEU C 341 1.12 6.21 1.01
CA LEU C 341 1.41 6.80 2.30
C LEU C 341 2.04 8.17 2.06
N LYS C 342 1.34 9.22 2.46
CA LYS C 342 1.73 10.58 2.12
C LYS C 342 2.18 11.32 3.39
N ILE C 343 3.39 11.85 3.37
CA ILE C 343 3.86 12.74 4.42
C ILE C 343 3.45 14.16 4.09
N TRP C 344 2.73 14.80 5.00
CA TRP C 344 2.23 16.14 4.80
C TRP C 344 3.01 17.12 5.67
N ASN C 345 3.12 18.35 5.18
CA ASN C 345 3.81 19.39 5.94
C ASN C 345 3.36 20.74 5.42
N GLY C 346 3.54 21.77 6.25
CA GLY C 346 3.15 23.10 5.89
C GLY C 346 4.20 23.81 5.04
N SER C 347 3.91 25.08 4.74
CA SER C 347 4.81 25.90 3.95
C SER C 347 4.65 27.35 4.37
N SER C 348 5.77 28.06 4.46
CA SER C 348 5.76 29.47 4.84
C SER C 348 6.87 30.22 4.12
N ILE D 9 -25.42 -14.37 37.63
CA ILE D 9 -24.89 -15.28 38.62
C ILE D 9 -24.04 -14.48 39.62
N ALA D 10 -23.40 -15.18 40.56
CA ALA D 10 -22.69 -14.52 41.65
C ALA D 10 -21.52 -13.67 41.17
N GLN D 11 -21.07 -13.84 39.93
CA GLN D 11 -19.94 -13.05 39.44
C GLN D 11 -20.29 -11.56 39.39
N ALA D 12 -21.58 -11.22 39.31
CA ALA D 12 -21.99 -9.83 39.17
C ALA D 12 -21.57 -8.98 40.36
N ARG D 13 -21.27 -9.59 41.50
CA ARG D 13 -20.78 -8.82 42.63
C ARG D 13 -19.45 -8.16 42.32
N LYS D 14 -18.62 -8.79 41.48
CA LYS D 14 -17.31 -8.25 41.16
C LYS D 14 -17.40 -6.86 40.54
N LEU D 15 -18.48 -6.59 39.81
CA LEU D 15 -18.67 -5.26 39.23
C LEU D 15 -18.84 -4.20 40.31
N VAL D 16 -19.38 -4.58 41.47
CA VAL D 16 -19.69 -3.60 42.52
C VAL D 16 -18.41 -2.95 43.04
N GLU D 17 -17.38 -3.76 43.32
CA GLU D 17 -16.14 -3.20 43.82
C GLU D 17 -15.48 -2.29 42.78
N GLN D 18 -15.51 -2.70 41.51
CA GLN D 18 -14.94 -1.85 40.47
C GLN D 18 -15.68 -0.53 40.39
N LEU D 19 -17.01 -0.57 40.51
CA LEU D 19 -17.78 0.67 40.52
C LEU D 19 -17.43 1.53 41.72
N LYS D 20 -17.17 0.92 42.88
CA LYS D 20 -16.86 1.77 44.04
C LYS D 20 -15.45 2.33 43.98
N MET D 21 -14.48 1.63 43.36
CA MET D 21 -13.23 2.31 43.04
C MET D 21 -13.47 3.44 42.04
N GLU D 22 -14.33 3.21 41.05
CA GLU D 22 -14.67 4.28 40.12
C GLU D 22 -15.24 5.49 40.84
N ALA D 23 -15.99 5.26 41.91
CA ALA D 23 -16.64 6.34 42.63
C ALA D 23 -15.68 7.08 43.56
N ASN D 24 -14.94 6.34 44.38
CA ASN D 24 -14.18 6.97 45.46
C ASN D 24 -12.96 7.74 44.99
N ILE D 25 -12.67 7.76 43.69
CA ILE D 25 -11.52 8.52 43.21
C ILE D 25 -11.78 10.01 43.40
N ASP D 26 -10.68 10.77 43.52
CA ASP D 26 -10.80 12.21 43.56
C ASP D 26 -11.03 12.76 42.16
N ARG D 27 -11.80 13.84 42.08
CA ARG D 27 -12.08 14.50 40.82
C ARG D 27 -11.78 15.98 40.97
N ILE D 28 -11.21 16.56 39.93
CA ILE D 28 -10.85 17.98 39.92
C ILE D 28 -11.88 18.73 39.10
N LYS D 29 -12.19 19.95 39.54
CA LYS D 29 -13.22 20.74 38.91
C LYS D 29 -12.89 20.97 37.44
N VAL D 30 -13.92 20.86 36.58
CA VAL D 30 -13.68 20.83 35.14
C VAL D 30 -13.07 22.14 34.65
N SER D 31 -13.36 23.26 35.32
CA SER D 31 -12.79 24.53 34.89
C SER D 31 -11.28 24.54 35.06
N LYS D 32 -10.79 24.04 36.19
CA LYS D 32 -9.35 23.97 36.41
C LYS D 32 -8.67 23.04 35.41
N ALA D 33 -9.27 21.88 35.16
CA ALA D 33 -8.71 20.94 34.19
C ALA D 33 -8.70 21.55 32.80
N ALA D 34 -9.76 22.26 32.43
CA ALA D 34 -9.79 22.94 31.13
C ALA D 34 -8.71 23.99 31.04
N ALA D 35 -8.52 24.76 32.12
CA ALA D 35 -7.47 25.78 32.12
C ALA D 35 -6.10 25.16 31.94
N ASP D 36 -5.84 24.06 32.64
CA ASP D 36 -4.55 23.38 32.48
C ASP D 36 -4.38 22.83 31.08
N LEU D 37 -5.43 22.21 30.53
CA LEU D 37 -5.32 21.58 29.22
C LEU D 37 -5.08 22.63 28.14
N MET D 38 -5.72 23.79 28.24
CA MET D 38 -5.46 24.84 27.27
C MET D 38 -4.12 25.51 27.51
N ALA D 39 -3.72 25.66 28.77
CA ALA D 39 -2.44 26.28 29.10
C ALA D 39 -1.26 25.43 28.64
N TYR D 40 -1.46 24.12 28.50
CA TYR D 40 -0.39 23.30 27.95
C TYR D 40 -0.07 23.67 26.51
N CYS D 41 -1.05 24.22 25.78
CA CYS D 41 -0.86 24.44 24.35
C CYS D 41 -0.02 25.67 24.05
N GLU D 42 -0.47 26.85 24.49
CA GLU D 42 0.27 28.07 24.16
C GLU D 42 1.66 28.08 24.79
N ALA D 43 1.91 27.22 25.78
CA ALA D 43 3.26 27.03 26.27
C ALA D 43 4.13 26.25 25.28
N HIS D 44 3.52 25.64 24.26
CA HIS D 44 4.27 24.95 23.22
C HIS D 44 3.86 25.41 21.83
N ALA D 45 3.05 26.46 21.71
CA ALA D 45 2.56 26.91 20.41
C ALA D 45 3.65 27.56 19.58
N LYS D 46 4.78 27.93 20.19
CA LYS D 46 5.89 28.53 19.46
C LYS D 46 6.91 27.51 18.99
N GLU D 47 6.73 26.23 19.34
CA GLU D 47 7.58 25.14 18.86
C GLU D 47 6.79 24.09 18.08
N ASP D 48 5.58 24.41 17.63
CA ASP D 48 4.74 23.45 16.93
C ASP D 48 4.79 23.75 15.44
N PRO D 49 5.53 22.97 14.64
CA PRO D 49 5.64 23.29 13.21
C PRO D 49 4.32 23.30 12.47
N LEU D 50 3.40 22.40 12.80
CA LEU D 50 2.11 22.37 12.11
C LEU D 50 1.28 23.59 12.44
N LEU D 51 1.30 24.03 13.71
CA LEU D 51 0.52 25.20 14.10
C LEU D 51 1.08 26.47 13.47
N THR D 52 2.39 26.68 13.58
CA THR D 52 3.07 27.84 12.99
C THR D 52 4.17 27.34 12.08
N PRO D 53 3.97 27.35 10.77
CA PRO D 53 4.99 26.82 9.86
C PRO D 53 6.31 27.59 9.98
N VAL D 54 7.40 26.85 9.83
CA VAL D 54 8.75 27.41 9.96
C VAL D 54 9.23 27.80 8.57
N PRO D 55 10.28 28.61 8.44
CA PRO D 55 10.81 28.95 7.11
C PRO D 55 11.26 27.70 6.37
N ALA D 56 11.12 27.75 5.03
CA ALA D 56 11.44 26.59 4.20
C ALA D 56 12.90 26.19 4.32
N SER D 57 13.79 27.12 4.66
CA SER D 57 15.19 26.77 4.88
C SER D 57 15.33 25.80 6.04
N GLU D 58 14.58 26.00 7.11
CA GLU D 58 14.60 25.08 8.23
C GLU D 58 13.83 23.80 7.92
N ASN D 59 12.83 23.87 7.05
CA ASN D 59 12.00 22.71 6.72
C ASN D 59 12.86 21.64 6.07
N PRO D 60 12.94 20.43 6.63
CA PRO D 60 13.79 19.38 6.07
C PRO D 60 13.09 18.45 5.08
N PHE D 61 11.90 18.80 4.60
CA PHE D 61 11.19 17.94 3.67
C PHE D 61 11.16 18.48 2.24
N ARG D 62 11.28 19.78 2.04
CA ARG D 62 11.38 20.32 0.69
C ARG D 62 12.57 21.26 0.59
N GLU D 63 12.90 21.93 1.69
CA GLU D 63 14.01 22.88 1.74
C GLU D 63 13.90 23.95 0.68
N VAL E 39 29.05 -13.91 11.35
CA VAL E 39 29.83 -12.85 10.73
C VAL E 39 31.29 -13.26 10.69
N GLN E 40 31.74 -13.73 9.52
CA GLN E 40 33.11 -14.23 9.40
C GLN E 40 33.51 -14.22 7.93
N LEU E 41 34.58 -13.51 7.61
CA LEU E 41 35.14 -13.47 6.27
C LEU E 41 36.54 -14.03 6.30
N VAL E 42 36.84 -14.95 5.39
CA VAL E 42 38.15 -15.57 5.29
C VAL E 42 38.59 -15.53 3.83
N GLU E 43 39.86 -15.18 3.61
CA GLU E 43 40.40 -14.96 2.28
C GLU E 43 41.24 -16.14 1.83
N SER E 44 41.58 -16.13 0.54
CA SER E 44 42.40 -17.18 -0.07
C SER E 44 42.94 -16.63 -1.39
N GLY E 45 43.71 -17.47 -2.08
CA GLY E 45 44.26 -17.12 -3.36
C GLY E 45 45.56 -16.34 -3.33
N GLY E 46 46.15 -16.14 -2.16
CA GLY E 46 47.42 -15.46 -2.07
C GLY E 46 48.60 -16.37 -2.30
N GLY E 47 49.77 -15.76 -2.38
CA GLY E 47 51.00 -16.52 -2.55
C GLY E 47 52.00 -15.73 -3.38
N LEU E 48 53.18 -16.33 -3.54
CA LEU E 48 54.23 -15.71 -4.34
C LEU E 48 53.83 -15.70 -5.80
N VAL E 49 54.19 -14.62 -6.50
CA VAL E 49 53.81 -14.44 -7.90
C VAL E 49 55.03 -13.98 -8.69
N GLN E 50 55.31 -14.67 -9.78
CA GLN E 50 56.32 -14.18 -10.72
C GLN E 50 55.74 -12.98 -11.47
N PRO E 51 56.47 -11.88 -11.58
CA PRO E 51 55.91 -10.67 -12.22
C PRO E 51 55.46 -10.95 -13.64
N GLY E 52 54.37 -10.28 -14.04
CA GLY E 52 53.74 -10.51 -15.31
C GLY E 52 52.63 -11.55 -15.28
N GLY E 53 52.42 -12.22 -14.16
CA GLY E 53 51.37 -13.22 -14.04
C GLY E 53 50.05 -12.61 -13.62
N SER E 54 49.17 -13.47 -13.12
CA SER E 54 47.86 -13.05 -12.68
C SER E 54 47.39 -13.97 -11.55
N ARG E 55 46.48 -13.45 -10.73
CA ARG E 55 45.92 -14.22 -9.63
C ARG E 55 44.43 -13.90 -9.51
N LYS E 56 43.73 -14.78 -8.78
CA LYS E 56 42.28 -14.69 -8.60
C LYS E 56 41.99 -14.76 -7.10
N LEU E 57 42.03 -13.60 -6.45
CA LEU E 57 41.71 -13.54 -5.03
C LEU E 57 40.21 -13.72 -4.82
N SER E 58 39.85 -14.32 -3.69
CA SER E 58 38.46 -14.59 -3.38
C SER E 58 38.18 -14.30 -1.91
N CYS E 59 36.98 -13.83 -1.65
CA CYS E 59 36.45 -13.66 -0.30
C CYS E 59 35.28 -14.60 -0.13
N SER E 60 35.29 -15.40 0.94
CA SER E 60 34.25 -16.39 1.19
C SER E 60 33.52 -16.01 2.47
N ALA E 61 32.37 -15.38 2.31
CA ALA E 61 31.58 -14.91 3.44
C ALA E 61 30.84 -16.06 4.11
N SER E 62 30.41 -15.82 5.34
CA SER E 62 29.65 -16.80 6.11
C SER E 62 29.06 -16.10 7.34
N GLY E 63 27.79 -16.37 7.61
CA GLY E 63 27.16 -15.88 8.82
C GLY E 63 26.42 -14.58 8.70
N PHE E 64 26.18 -14.08 7.49
CA PHE E 64 25.41 -12.86 7.32
C PHE E 64 24.84 -12.84 5.91
N ALA E 65 23.85 -11.95 5.70
CA ALA E 65 23.17 -11.83 4.41
C ALA E 65 24.09 -11.13 3.42
N PHE E 66 24.95 -11.93 2.79
CA PHE E 66 25.95 -11.38 1.88
C PHE E 66 25.32 -10.59 0.75
N SER E 67 24.19 -11.06 0.23
CA SER E 67 23.56 -10.41 -0.91
C SER E 67 23.03 -9.03 -0.59
N SER E 68 22.91 -8.66 0.69
CA SER E 68 22.47 -7.33 1.08
C SER E 68 23.62 -6.40 1.45
N PHE E 69 24.85 -6.86 1.34
CA PHE E 69 26.03 -6.09 1.74
C PHE E 69 26.86 -5.72 0.53
N GLY E 70 27.27 -4.45 0.48
CA GLY E 70 28.32 -4.07 -0.44
C GLY E 70 29.66 -4.62 0.00
N MET E 71 30.60 -4.70 -0.94
CA MET E 71 31.89 -5.31 -0.66
C MET E 71 33.00 -4.42 -1.19
N HIS E 72 34.05 -4.26 -0.40
CA HIS E 72 35.22 -3.50 -0.78
C HIS E 72 36.46 -4.40 -0.76
N TRP E 73 37.57 -3.83 -1.21
CA TRP E 73 38.87 -4.44 -1.07
C TRP E 73 39.85 -3.37 -0.64
N VAL E 74 40.64 -3.65 0.39
CA VAL E 74 41.64 -2.72 0.90
C VAL E 74 42.96 -3.47 1.03
N ARG E 75 44.04 -2.86 0.55
CA ARG E 75 45.35 -3.48 0.63
C ARG E 75 46.24 -2.69 1.56
N GLN E 76 47.44 -3.23 1.81
CA GLN E 76 48.36 -2.61 2.76
C GLN E 76 49.76 -3.13 2.46
N ALA E 77 50.69 -2.21 2.19
CA ALA E 77 52.08 -2.59 1.99
C ALA E 77 52.65 -3.14 3.28
N PRO E 78 53.74 -3.92 3.20
CA PRO E 78 54.22 -4.63 4.40
C PRO E 78 54.54 -3.73 5.59
N GLU E 79 54.83 -2.45 5.36
CA GLU E 79 55.06 -1.53 6.46
C GLU E 79 54.39 -0.17 6.28
N LYS E 80 53.65 0.03 5.19
CA LYS E 80 53.02 1.32 4.93
C LYS E 80 51.61 1.31 5.48
N GLY E 81 50.84 2.36 5.18
CA GLY E 81 49.44 2.41 5.54
C GLY E 81 48.57 1.64 4.58
N LEU E 82 47.27 1.67 4.85
CA LEU E 82 46.32 0.99 3.99
C LEU E 82 46.08 1.79 2.72
N GLU E 83 45.47 1.14 1.73
CA GLU E 83 45.13 1.79 0.48
C GLU E 83 43.95 1.07 -0.16
N TRP E 84 42.93 1.84 -0.53
CA TRP E 84 41.73 1.25 -1.11
C TRP E 84 42.05 0.65 -2.48
N VAL E 85 41.33 -0.42 -2.83
CA VAL E 85 41.62 -1.23 -4.00
C VAL E 85 40.49 -1.19 -5.01
N ALA E 86 39.26 -1.45 -4.56
CA ALA E 86 38.11 -1.52 -5.44
C ALA E 86 36.85 -1.53 -4.57
N TYR E 87 35.70 -1.60 -5.24
CA TYR E 87 34.42 -1.65 -4.56
C TYR E 87 33.37 -2.19 -5.52
N ILE E 88 32.51 -3.06 -5.02
CA ILE E 88 31.36 -3.55 -5.78
C ILE E 88 30.14 -3.48 -4.89
N SER E 89 29.04 -2.99 -5.44
CA SER E 89 27.83 -2.72 -4.67
C SER E 89 26.95 -3.96 -4.59
N SER E 90 25.86 -3.86 -3.84
CA SER E 90 24.90 -4.95 -3.76
C SER E 90 24.08 -5.00 -5.05
N GLY E 91 24.02 -6.18 -5.66
CA GLY E 91 23.42 -6.33 -6.95
C GLY E 91 24.34 -6.05 -8.12
N SER E 92 25.61 -5.75 -7.86
CA SER E 92 26.63 -5.52 -8.88
C SER E 92 26.31 -4.34 -9.79
N GLY E 93 25.37 -3.48 -9.40
CA GLY E 93 25.04 -2.34 -10.23
C GLY E 93 26.18 -1.34 -10.35
N THR E 94 26.84 -1.03 -9.24
CA THR E 94 27.89 -0.03 -9.19
C THR E 94 29.21 -0.70 -8.86
N ILE E 95 30.26 -0.35 -9.61
CA ILE E 95 31.60 -0.88 -9.38
C ILE E 95 32.60 0.23 -9.65
N TYR E 96 33.51 0.45 -8.69
CA TYR E 96 34.58 1.42 -8.84
C TYR E 96 35.93 0.72 -8.77
N TYR E 97 36.99 1.48 -9.02
CA TYR E 97 38.35 0.97 -8.91
C TYR E 97 39.27 2.10 -8.49
N ALA E 98 40.45 1.72 -8.01
CA ALA E 98 41.45 2.72 -7.66
C ALA E 98 42.07 3.28 -8.93
N ASP E 99 42.33 4.59 -8.93
CA ASP E 99 42.91 5.23 -10.10
C ASP E 99 44.28 4.63 -10.43
N THR E 100 44.98 4.10 -9.44
CA THR E 100 46.30 3.53 -9.68
C THR E 100 46.23 2.32 -10.60
N VAL E 101 45.27 1.43 -10.36
CA VAL E 101 45.23 0.15 -11.05
C VAL E 101 43.85 -0.11 -11.66
N LYS E 102 43.16 0.97 -12.07
CA LYS E 102 41.79 0.84 -12.56
C LYS E 102 41.70 -0.06 -13.79
N GLY E 103 42.79 -0.26 -14.52
CA GLY E 103 42.73 -1.06 -15.73
C GLY E 103 42.98 -2.54 -15.53
N ARG E 104 44.07 -2.88 -14.85
CA ARG E 104 44.49 -4.28 -14.74
C ARG E 104 43.50 -5.09 -13.91
N PHE E 105 43.10 -4.56 -12.76
CA PHE E 105 42.22 -5.28 -11.86
C PHE E 105 40.81 -5.36 -12.42
N THR E 106 40.03 -6.29 -11.88
CA THR E 106 38.60 -6.34 -12.15
C THR E 106 37.91 -7.12 -11.01
N ILE E 107 36.83 -6.55 -10.50
CA ILE E 107 36.12 -7.09 -9.36
C ILE E 107 34.88 -7.84 -9.83
N SER E 108 34.38 -8.73 -8.98
CA SER E 108 33.16 -9.50 -9.30
C SER E 108 32.70 -10.20 -8.03
N ARG E 109 31.38 -10.34 -7.91
CA ARG E 109 30.75 -11.03 -6.79
C ARG E 109 29.82 -12.11 -7.31
N ASP E 110 29.40 -13.00 -6.41
CA ASP E 110 28.50 -14.08 -6.78
C ASP E 110 27.65 -14.41 -5.54
N ASP E 111 26.46 -13.81 -5.49
CA ASP E 111 25.62 -13.90 -4.30
C ASP E 111 25.21 -15.31 -3.91
N PRO E 112 24.74 -16.17 -4.83
CA PRO E 112 24.23 -17.48 -4.38
C PRO E 112 25.25 -18.31 -3.60
N LYS E 113 26.53 -18.25 -3.94
CA LYS E 113 27.54 -18.95 -3.17
C LYS E 113 28.10 -18.09 -2.03
N ASN E 114 27.63 -16.86 -1.88
CA ASN E 114 28.08 -15.97 -0.81
C ASN E 114 29.60 -15.82 -0.83
N THR E 115 30.16 -15.65 -2.02
CA THR E 115 31.60 -15.48 -2.18
C THR E 115 31.87 -14.28 -3.08
N LEU E 116 32.98 -13.61 -2.80
CA LEU E 116 33.37 -12.39 -3.51
C LEU E 116 34.74 -12.61 -4.15
N PHE E 117 34.87 -12.18 -5.40
CA PHE E 117 36.05 -12.46 -6.20
C PHE E 117 36.76 -11.17 -6.59
N LEU E 118 38.09 -11.27 -6.74
CA LEU E 118 38.89 -10.16 -7.26
C LEU E 118 39.84 -10.75 -8.30
N GLN E 119 39.64 -10.38 -9.56
CA GLN E 119 40.49 -10.83 -10.65
C GLN E 119 41.48 -9.74 -11.01
N MET E 120 42.76 -10.08 -11.01
CA MET E 120 43.83 -9.11 -11.21
C MET E 120 44.91 -9.72 -12.08
N THR E 121 45.44 -8.92 -13.01
CA THR E 121 46.33 -9.40 -14.05
C THR E 121 47.53 -8.49 -14.20
N SER E 122 48.65 -9.09 -14.64
CA SER E 122 49.88 -8.37 -14.95
C SER E 122 50.35 -7.56 -13.74
N LEU E 123 50.70 -8.30 -12.69
CA LEU E 123 51.06 -7.69 -11.42
C LEU E 123 52.29 -6.80 -11.56
N ARG E 124 52.14 -5.54 -11.17
CA ARG E 124 53.27 -4.62 -11.16
C ARG E 124 54.20 -4.95 -10.00
N SER E 125 55.37 -4.30 -9.99
CA SER E 125 56.34 -4.56 -8.93
C SER E 125 55.85 -4.09 -7.57
N GLU E 126 55.00 -3.06 -7.54
CA GLU E 126 54.57 -2.45 -6.29
C GLU E 126 53.32 -3.08 -5.70
N ASP E 127 52.76 -4.11 -6.34
CA ASP E 127 51.55 -4.75 -5.83
C ASP E 127 51.81 -5.73 -4.70
N THR E 128 52.99 -5.71 -4.09
CA THR E 128 53.25 -6.53 -2.92
C THR E 128 52.52 -5.91 -1.73
N ALA E 129 51.49 -6.58 -1.23
CA ALA E 129 50.66 -5.99 -0.19
C ALA E 129 49.85 -7.07 0.50
N MET E 130 49.11 -6.64 1.52
CA MET E 130 48.27 -7.50 2.34
C MET E 130 46.82 -7.12 2.08
N TYR E 131 46.19 -7.80 1.12
CA TYR E 131 44.86 -7.43 0.67
C TYR E 131 43.80 -7.89 1.66
N TYR E 132 42.87 -6.99 1.97
CA TYR E 132 41.80 -7.26 2.93
C TYR E 132 40.45 -7.23 2.24
N CYS E 133 39.47 -7.87 2.87
CA CYS E 133 38.10 -7.96 2.37
C CYS E 133 37.17 -7.35 3.42
N VAL E 134 36.40 -6.34 3.01
CA VAL E 134 35.62 -5.53 3.94
C VAL E 134 34.17 -5.48 3.44
N ARG E 135 33.24 -5.76 4.34
CA ARG E 135 31.82 -5.60 4.04
C ARG E 135 31.35 -4.21 4.43
N SER E 136 30.29 -3.75 3.76
CA SER E 136 29.74 -2.43 4.05
C SER E 136 28.33 -2.31 3.50
N ILE E 137 27.36 -2.10 4.38
CA ILE E 137 25.96 -1.97 4.00
C ILE E 137 25.56 -0.51 4.19
N TYR E 138 24.88 0.04 3.19
CA TYR E 138 24.56 1.46 3.16
C TYR E 138 23.05 1.65 3.23
N TYR E 139 22.59 2.16 4.37
CA TYR E 139 21.23 2.68 4.50
C TYR E 139 21.26 3.70 5.64
N TYR E 140 20.11 4.33 5.89
CA TYR E 140 20.08 5.38 6.89
C TYR E 140 20.39 4.83 8.27
N GLY E 141 21.56 5.14 8.81
CA GLY E 141 21.95 4.69 10.12
C GLY E 141 22.87 3.49 10.14
N SER E 142 23.19 2.91 8.99
CA SER E 142 24.07 1.76 8.95
C SER E 142 25.51 2.18 9.27
N SER E 143 26.35 1.19 9.54
CA SER E 143 27.75 1.41 9.87
C SER E 143 28.61 0.76 8.79
N PRO E 144 28.98 1.48 7.74
CA PRO E 144 29.80 0.91 6.69
C PRO E 144 31.19 0.54 7.20
N PHE E 145 31.79 -0.45 6.54
CA PHE E 145 33.13 -0.94 6.85
C PHE E 145 33.21 -1.53 8.25
N ASP E 146 32.07 -1.98 8.80
CA ASP E 146 32.04 -2.37 10.21
C ASP E 146 32.85 -3.63 10.47
N PHE E 147 32.83 -4.59 9.55
CA PHE E 147 33.51 -5.85 9.74
C PHE E 147 34.63 -6.00 8.73
N TRP E 148 35.81 -6.37 9.21
CA TRP E 148 36.98 -6.55 8.38
C TRP E 148 37.41 -8.01 8.41
N GLY E 149 37.80 -8.54 7.27
CA GLY E 149 38.29 -9.90 7.20
C GLY E 149 39.70 -10.02 7.74
N GLN E 150 40.21 -11.24 7.71
CA GLN E 150 41.59 -11.50 8.13
C GLN E 150 42.60 -11.16 7.03
N GLY E 151 42.16 -10.96 5.81
CA GLY E 151 43.05 -10.54 4.74
C GLY E 151 43.97 -11.61 4.24
N THR E 152 44.46 -11.45 3.01
CA THR E 152 45.42 -12.36 2.40
C THR E 152 46.69 -11.61 2.04
N THR E 153 47.75 -12.37 1.78
CA THR E 153 49.06 -11.81 1.48
C THR E 153 49.45 -12.14 0.05
N LEU E 154 50.42 -11.39 -0.46
CA LEU E 154 50.92 -11.59 -1.81
C LEU E 154 52.30 -10.96 -1.92
N THR E 155 53.17 -11.61 -2.69
CA THR E 155 54.53 -11.12 -2.92
C THR E 155 54.87 -11.29 -4.38
N VAL E 156 55.40 -10.24 -5.00
CA VAL E 156 55.84 -10.25 -6.39
C VAL E 156 57.31 -9.84 -6.43
N SER E 157 58.10 -10.59 -7.17
CA SER E 157 59.53 -10.32 -7.27
C SER E 157 59.85 -9.39 -8.43
N ASP E 175 40.66 13.03 -5.17
CA ASP E 175 41.97 13.64 -4.98
C ASP E 175 42.19 14.05 -3.52
N ILE E 176 41.13 13.93 -2.71
CA ILE E 176 41.26 14.24 -1.29
C ILE E 176 42.30 13.33 -0.66
N VAL E 177 43.16 13.91 0.16
CA VAL E 177 44.14 13.14 0.91
C VAL E 177 44.05 13.55 2.37
N MET E 178 44.47 12.64 3.25
CA MET E 178 44.63 12.95 4.67
C MET E 178 46.09 12.77 5.06
N THR E 179 46.56 13.63 5.94
CA THR E 179 47.90 13.53 6.51
C THR E 179 47.78 13.37 8.01
N GLN E 180 48.38 12.31 8.54
CA GLN E 180 48.44 12.09 9.98
C GLN E 180 49.74 12.72 10.48
N ALA E 181 49.62 13.78 11.26
CA ALA E 181 50.79 14.58 11.62
C ALA E 181 51.82 13.76 12.38
N THR E 182 51.38 12.96 13.34
CA THR E 182 52.29 12.18 14.15
C THR E 182 52.51 10.80 13.54
N SER E 183 53.72 10.28 13.74
CA SER E 183 54.05 8.92 13.33
C SER E 183 54.08 7.94 14.50
N SER E 184 54.43 8.40 15.69
CA SER E 184 54.49 7.54 16.86
C SER E 184 54.29 8.38 18.11
N VAL E 185 53.58 7.81 19.09
CA VAL E 185 53.32 8.47 20.36
C VAL E 185 53.60 7.48 21.49
N PRO E 186 54.60 7.73 22.33
CA PRO E 186 54.77 6.90 23.53
C PRO E 186 53.63 7.12 24.50
N VAL E 187 53.25 6.06 25.22
CA VAL E 187 52.12 6.12 26.13
C VAL E 187 52.25 5.01 27.17
N THR E 188 51.60 5.21 28.30
CA THR E 188 51.45 4.24 29.37
C THR E 188 49.97 4.07 29.66
N PRO E 189 49.56 2.93 30.21
CA PRO E 189 48.14 2.75 30.54
C PRO E 189 47.69 3.73 31.61
N GLY E 190 46.44 4.18 31.48
CA GLY E 190 45.83 5.01 32.50
C GLY E 190 45.42 6.40 32.08
N GLU E 191 46.24 7.09 31.31
CA GLU E 191 45.94 8.47 30.93
C GLU E 191 45.14 8.49 29.62
N SER E 192 44.99 9.68 29.05
CA SER E 192 44.21 9.88 27.84
C SER E 192 45.12 10.20 26.67
N VAL E 193 44.64 9.86 25.46
CA VAL E 193 45.40 10.07 24.24
C VAL E 193 44.47 10.65 23.18
N SER E 194 44.94 11.68 22.48
CA SER E 194 44.24 12.23 21.33
C SER E 194 45.10 12.06 20.10
N ILE E 195 44.58 11.37 19.09
CA ILE E 195 45.29 11.10 17.85
C ILE E 195 44.74 12.03 16.78
N SER E 196 45.64 12.72 16.08
CA SER E 196 45.26 13.72 15.11
C SER E 196 45.28 13.14 13.70
N CYS E 197 44.47 13.75 12.83
CA CYS E 197 44.42 13.42 11.42
C CYS E 197 43.75 14.56 10.67
N ARG E 198 44.45 15.16 9.70
CA ARG E 198 43.93 16.28 8.94
C ARG E 198 43.70 15.84 7.50
N SER E 199 42.91 16.65 6.78
CA SER E 199 42.54 16.32 5.41
C SER E 199 42.87 17.47 4.47
N SER E 200 42.36 17.40 3.23
CA SER E 200 42.57 18.47 2.25
C SER E 200 41.28 19.23 1.98
N LYS E 201 40.21 18.54 1.61
CA LYS E 201 38.92 19.16 1.37
C LYS E 201 38.12 19.12 2.67
N SER E 202 36.90 19.66 2.64
CA SER E 202 36.01 19.61 3.79
C SER E 202 35.14 18.37 3.68
N LEU E 203 35.32 17.44 4.61
CA LEU E 203 34.57 16.18 4.57
C LEU E 203 33.10 16.36 4.94
N LEU E 204 32.77 17.42 5.68
CA LEU E 204 31.39 17.67 6.05
C LEU E 204 30.53 17.91 4.82
N HIS E 205 29.56 17.04 4.59
CA HIS E 205 28.68 17.16 3.43
C HIS E 205 27.44 17.99 3.78
N SER E 206 26.71 18.39 2.75
CA SER E 206 25.53 19.23 2.94
C SER E 206 24.46 18.52 3.76
N ASN E 207 24.27 17.21 3.53
CA ASN E 207 23.18 16.49 4.19
C ASN E 207 23.34 16.44 5.70
N GLY E 208 24.57 16.52 6.21
CA GLY E 208 24.78 16.54 7.64
C GLY E 208 25.84 15.57 8.10
N ASN E 209 26.11 14.54 7.30
CA ASN E 209 27.13 13.56 7.64
C ASN E 209 28.51 14.18 7.50
N THR E 210 29.54 13.39 7.83
CA THR E 210 30.91 13.86 7.66
C THR E 210 31.81 12.88 6.92
N TYR E 211 31.57 11.57 7.02
CA TYR E 211 32.31 10.57 6.25
C TYR E 211 33.80 10.54 6.62
N LEU E 212 34.09 10.51 7.92
CA LEU E 212 35.42 10.18 8.41
C LEU E 212 35.31 8.93 9.25
N TYR E 213 36.21 7.98 9.02
CA TYR E 213 36.19 6.70 9.71
C TYR E 213 37.46 6.54 10.55
N TRP E 214 37.39 5.64 11.51
CA TRP E 214 38.48 5.43 12.46
C TRP E 214 38.62 3.94 12.74
N PHE E 215 39.60 3.29 12.13
CA PHE E 215 39.87 1.88 12.33
C PHE E 215 41.18 1.70 13.08
N LEU E 216 41.16 0.85 14.10
CA LEU E 216 42.35 0.46 14.83
C LEU E 216 42.75 -0.94 14.42
N GLN E 217 44.01 -1.13 14.08
CA GLN E 217 44.55 -2.45 13.80
C GLN E 217 45.58 -2.79 14.88
N ARG E 218 45.37 -3.90 15.57
CA ARG E 218 46.28 -4.34 16.61
C ARG E 218 47.57 -4.87 15.98
N PRO E 219 48.64 -5.00 16.77
CA PRO E 219 49.93 -5.40 16.20
C PRO E 219 49.89 -6.67 15.37
N GLY E 220 49.05 -7.64 15.73
CA GLY E 220 48.97 -8.86 14.96
C GLY E 220 47.56 -9.26 14.58
N GLN E 221 46.69 -8.29 14.31
CA GLN E 221 45.30 -8.56 14.02
C GLN E 221 44.86 -7.71 12.83
N SER E 222 43.62 -7.93 12.40
CA SER E 222 43.01 -7.17 11.32
C SER E 222 42.53 -5.82 11.83
N PRO E 223 42.31 -4.86 10.94
CA PRO E 223 41.69 -3.60 11.34
C PRO E 223 40.30 -3.84 11.92
N GLN E 224 39.85 -2.90 12.74
CA GLN E 224 38.59 -3.06 13.45
C GLN E 224 37.99 -1.68 13.66
N LEU E 225 36.76 -1.50 13.20
CA LEU E 225 36.15 -0.17 13.23
C LEU E 225 35.94 0.29 14.66
N LEU E 226 36.18 1.58 14.88
CA LEU E 226 35.92 2.22 16.16
C LEU E 226 34.80 3.25 16.05
N ILE E 227 34.96 4.23 15.17
CA ILE E 227 34.02 5.34 15.07
C ILE E 227 33.78 5.62 13.59
N TYR E 228 32.56 5.38 13.12
CA TYR E 228 32.20 5.66 11.75
C TYR E 228 31.49 7.01 11.67
N ARG E 229 31.77 7.76 10.61
CA ARG E 229 31.22 9.10 10.39
C ARG E 229 31.57 10.04 11.53
N MET E 230 32.78 9.90 12.07
CA MET E 230 33.43 10.90 12.92
C MET E 230 32.82 11.03 14.31
N SER E 231 31.64 10.47 14.54
CA SER E 231 31.02 10.61 15.85
C SER E 231 30.32 9.36 16.35
N ASN E 232 30.04 8.38 15.51
CA ASN E 232 29.21 7.25 15.90
C ASN E 232 30.09 6.05 16.22
N LEU E 233 29.94 5.52 17.43
CA LEU E 233 30.75 4.41 17.90
C LEU E 233 30.15 3.09 17.43
N ALA E 234 31.02 2.10 17.26
CA ALA E 234 30.61 0.83 16.66
C ALA E 234 29.86 -0.02 17.68
N SER E 235 29.66 -1.30 17.36
CA SER E 235 28.84 -2.16 18.20
C SER E 235 29.62 -2.67 19.41
N GLY E 236 30.69 -3.44 19.17
CA GLY E 236 31.38 -4.13 20.24
C GLY E 236 32.54 -3.37 20.84
N VAL E 237 32.58 -2.07 20.62
CA VAL E 237 33.68 -1.22 21.09
C VAL E 237 33.28 -0.58 22.40
N PRO E 238 34.16 -0.55 23.41
CA PRO E 238 33.83 0.14 24.66
C PRO E 238 33.65 1.63 24.42
N ASP E 239 32.84 2.25 25.28
CA ASP E 239 32.52 3.68 25.12
C ASP E 239 33.66 4.62 25.51
N ARG E 240 34.88 4.11 25.73
CA ARG E 240 36.00 5.00 26.02
C ARG E 240 36.31 5.88 24.82
N PHE E 241 36.29 5.31 23.61
CA PHE E 241 36.66 6.03 22.40
C PHE E 241 35.62 7.10 22.08
N SER E 242 36.11 8.20 21.51
CA SER E 242 35.25 9.30 21.09
C SER E 242 35.97 10.10 20.02
N GLY E 243 35.22 10.56 19.01
CA GLY E 243 35.79 11.26 17.89
C GLY E 243 35.27 12.68 17.80
N SER E 244 36.06 13.54 17.17
CA SER E 244 35.73 14.95 17.03
C SER E 244 36.68 15.56 16.00
N GLY E 245 36.54 16.85 15.78
CA GLY E 245 37.40 17.56 14.85
C GLY E 245 36.67 18.73 14.23
N SER E 246 37.40 19.44 13.37
CA SER E 246 36.89 20.66 12.77
C SER E 246 35.94 20.37 11.62
N GLY E 247 36.40 19.59 10.64
CA GLY E 247 35.69 19.41 9.40
C GLY E 247 36.68 19.28 8.26
N THR E 248 37.91 19.69 8.51
CA THR E 248 39.05 19.44 7.66
C THR E 248 40.20 18.77 8.39
N ALA E 249 40.39 19.10 9.66
CA ALA E 249 41.34 18.43 10.53
C ALA E 249 40.58 17.78 11.68
N PHE E 250 40.86 16.50 11.94
CA PHE E 250 40.07 15.72 12.88
C PHE E 250 40.99 15.15 13.95
N THR E 251 40.37 14.58 14.98
CA THR E 251 41.11 13.94 16.06
C THR E 251 40.25 12.86 16.71
N LEU E 252 40.92 11.79 17.14
CA LEU E 252 40.29 10.72 17.89
C LEU E 252 40.76 10.79 19.34
N THR E 253 39.84 10.56 20.27
CA THR E 253 40.11 10.70 21.69
C THR E 253 39.87 9.36 22.39
N ILE E 254 40.79 9.00 23.30
CA ILE E 254 40.66 7.81 24.12
C ILE E 254 40.79 8.24 25.58
N SER E 255 39.85 7.82 26.41
CA SER E 255 39.83 8.26 27.80
C SER E 255 40.88 7.54 28.63
N ARG E 256 40.77 6.21 28.74
CA ARG E 256 41.67 5.42 29.57
C ARG E 256 42.25 4.30 28.72
N LEU E 257 43.57 4.28 28.58
CA LEU E 257 44.24 3.25 27.80
C LEU E 257 44.26 1.93 28.54
N GLU E 258 44.34 0.84 27.77
CA GLU E 258 44.52 -0.51 28.32
C GLU E 258 45.54 -1.24 27.45
N ALA E 259 45.76 -2.51 27.79
CA ALA E 259 46.71 -3.32 27.04
C ALA E 259 46.20 -3.71 25.66
N GLU E 260 44.93 -3.45 25.35
CA GLU E 260 44.35 -3.82 24.07
C GLU E 260 44.05 -2.61 23.20
N ASP E 261 44.73 -1.49 23.42
CA ASP E 261 44.55 -0.30 22.62
C ASP E 261 45.80 0.09 21.84
N VAL E 262 46.87 -0.68 21.95
CA VAL E 262 48.10 -0.38 21.21
C VAL E 262 48.00 -0.94 19.81
N GLY E 263 48.74 -0.36 18.89
CA GLY E 263 48.73 -0.77 17.51
C GLY E 263 48.99 0.43 16.61
N VAL E 264 48.22 0.50 15.52
CA VAL E 264 48.29 1.61 14.58
C VAL E 264 46.88 2.08 14.27
N TYR E 265 46.69 3.39 14.25
CA TYR E 265 45.38 3.99 14.00
C TYR E 265 45.36 4.59 12.59
N TYR E 266 44.22 4.43 11.92
CA TYR E 266 44.08 4.88 10.54
C TYR E 266 42.78 5.66 10.39
N CYS E 267 42.83 6.74 9.61
CA CYS E 267 41.68 7.60 9.37
C CYS E 267 41.33 7.53 7.88
N MET E 268 40.06 7.23 7.59
CA MET E 268 39.56 7.09 6.24
C MET E 268 38.56 8.18 5.93
N GLN E 269 38.55 8.64 4.68
CA GLN E 269 37.45 9.44 4.16
C GLN E 269 36.62 8.58 3.22
N HIS E 270 35.31 8.86 3.19
CA HIS E 270 34.40 8.15 2.31
C HIS E 270 33.54 9.11 1.52
N LEU E 271 33.96 10.37 1.37
CA LEU E 271 33.13 11.36 0.71
C LEU E 271 32.90 11.00 -0.76
N GLU E 272 33.98 10.58 -1.42
CA GLU E 272 33.89 10.16 -2.80
C GLU E 272 34.11 8.66 -2.89
N TYR E 273 34.81 8.21 -3.92
CA TYR E 273 35.07 6.78 -4.10
C TYR E 273 36.50 6.35 -3.71
N PRO E 274 37.51 7.14 -4.10
CA PRO E 274 38.85 6.75 -3.65
C PRO E 274 39.04 7.01 -2.16
N LEU E 275 38.64 6.05 -1.33
CA LEU E 275 38.76 6.22 0.11
C LEU E 275 40.20 6.16 0.54
N THR E 276 40.86 7.31 0.59
CA THR E 276 42.27 7.36 0.95
C THR E 276 42.52 7.12 2.42
N PHE E 277 43.78 6.93 2.81
CA PHE E 277 44.11 6.75 4.21
C PHE E 277 45.22 7.71 4.62
N GLY E 278 45.30 7.97 5.91
CA GLY E 278 46.46 8.62 6.46
C GLY E 278 47.61 7.65 6.58
N ALA E 279 48.80 8.20 6.88
CA ALA E 279 49.98 7.36 7.01
C ALA E 279 49.85 6.40 8.19
N GLY E 280 49.35 6.88 9.32
CA GLY E 280 49.17 6.02 10.48
C GLY E 280 49.92 6.50 11.70
N THR E 281 49.30 6.37 12.87
CA THR E 281 49.93 6.67 14.14
C THR E 281 50.05 5.39 14.94
N LYS E 282 51.26 5.10 15.42
CA LYS E 282 51.54 3.88 16.15
C LYS E 282 51.90 4.19 17.59
N LEU E 283 51.21 3.55 18.53
CA LEU E 283 51.36 3.81 19.95
C LEU E 283 52.21 2.72 20.58
N GLU E 284 53.04 3.10 21.55
CA GLU E 284 53.97 2.18 22.17
C GLU E 284 53.88 2.33 23.68
N LEU E 285 54.26 1.27 24.39
CA LEU E 285 54.29 1.28 25.85
C LEU E 285 55.71 1.39 26.37
#